data_8B43
#
_entry.id   8B43
#
_cell.length_a   95.411
_cell.length_b   95.411
_cell.length_c   177.984
_cell.angle_alpha   90.000
_cell.angle_beta   90.000
_cell.angle_gamma   120.000
#
_symmetry.space_group_name_H-M   'P 32 2 1'
#
loop_
_entity.id
_entity.type
_entity.pdbx_description
1 polymer 'Ferrichrome-iron receptor'
2 non-polymer 'SULFATE ION'
3 non-polymer 'octyl beta-D-glucopyranoside'
4 non-polymer 'FE (III) ION'
5 non-polymer 1,12-bis(oxidanyl)-1,6,12,17-tetrazacyclodocosane-2,5,13,16-tetrone
#
_entity_poly.entity_id   1
_entity_poly.type   'polypeptide(L)'
_entity_poly.pdbx_seq_one_letter_code
;MTATAVVLRNAPSSLDFPRASRLSRSVRAALLSLAMAAGAAPLCASAAEAAAEQARPYAIPAGQLGDVLNRFAREAGITL
SATPAQTGGYSSQGLRGSFTVQQGLARLLADTPLEAEDQGDGSFVLREAPAKDGDVLNMQAVEVFALGNNLGSTDGYLAT
HSQIATKTSKPLLETSQTVSVITREQIDDTASKTVQQAMRYTPGIFTGQVGASNRYDYVVMRGFADNSVDNIYLDGLKAM
GDSGTFSSMQVDPYFLERIDVLKGPSSVLYGRSLPGGLVALTSKKPLYEDYRQITGSIGNMGQKEMGFDFSGPLDEEKRI
AYRLIGLGKGSDTQFDHVKEERYAIAPTLAIDFSDDTTLTLQGYLQHDPNGGYHGGVPADGTLSHHNGRHISREFFDGEP
SKDDFDRTQRMFGYQLEHRIDDVWSARQNFRYLDSDVDLSQVYAYGWSASEPNKLNRYFSGAREHLQAYIVDNMLQAEFA
TGAARHTLLTGLDYQRRRTVVDWRSGSASALDAFNPVYGDDAISYFPDDNHTRRLEQTGVYLQDLIDIDQWRFSLGLRQD
WVSVTDKNRSTGSKADDDWEKFTGRIGALYLFDNGLAPYVSYSESFNPNAYSDASGTPLAPTEGKQWELGLKFQAPGSNS
FYTASLFHITQENVASKEPQDNFYTSVGEVRSQGLELEAHTQLSDNLKLLGSYTYTDITYTKSLDGNQGHTPNQAPKHMA
SLWADYAFDAGPLSGLSIGGGARYVGETWADKENTLRVPDYTLVDARIGYDLGKLGLKGLDVSLNANNLLDKDYVASCYS
LDFCYFGEKRNVTATVNYQF
;
_entity_poly.pdbx_strand_id   A
#
loop_
_chem_comp.id
_chem_comp.type
_chem_comp.name
_chem_comp.formula
BOG D-saccharide 'octyl beta-D-glucopyranoside' 'C14 H28 O6'
FE non-polymer 'FE (III) ION' 'Fe 3'
OX8 non-polymer 1,12-bis(oxidanyl)-1,6,12,17-tetrazacyclodocosane-2,5,13,16-tetrone 'C18 H32 N4 O6'
SO4 non-polymer 'SULFATE ION' 'O4 S -2'
#
# COMPACT_ATOMS: atom_id res chain seq x y z
N VAL A 144 -0.88 19.90 20.99
CA VAL A 144 -1.97 20.01 20.03
C VAL A 144 -1.55 19.68 18.60
N PHE A 145 -1.99 20.50 17.66
CA PHE A 145 -1.33 20.81 16.39
C PHE A 145 -1.91 19.97 15.26
N ALA A 146 -3.06 20.39 14.73
CA ALA A 146 -3.84 19.55 13.83
C ALA A 146 -3.14 19.35 12.50
N LEU A 147 -2.41 20.37 12.03
CA LEU A 147 -1.84 20.41 10.69
C LEU A 147 -0.85 19.28 10.47
N GLY A 148 -1.18 18.39 9.54
CA GLY A 148 -0.36 17.24 9.19
C GLY A 148 -0.37 16.10 10.18
N ASN A 149 -1.23 16.15 11.20
CA ASN A 149 -1.32 15.11 12.22
C ASN A 149 -2.73 14.53 12.27
N ASN A 150 -2.83 13.23 12.55
CA ASN A 150 -4.14 12.61 12.71
C ASN A 150 -4.84 13.16 13.95
N LEU A 151 -4.14 13.19 15.08
CA LEU A 151 -4.65 13.55 16.42
C LEU A 151 -5.90 12.84 16.90
N GLY A 152 -6.26 11.70 16.37
CA GLY A 152 -7.52 11.09 16.74
C GLY A 152 -7.36 10.49 18.11
N SER A 153 -8.09 9.43 18.35
CA SER A 153 -7.92 8.67 19.56
C SER A 153 -7.89 7.28 18.96
N THR A 154 -7.50 6.29 19.73
CA THR A 154 -7.69 4.97 19.19
C THR A 154 -8.19 4.06 20.28
N ASP A 155 -9.01 3.09 19.90
CA ASP A 155 -9.45 2.12 20.89
C ASP A 155 -9.64 0.83 20.10
N GLY A 156 -8.87 -0.19 20.44
CA GLY A 156 -9.03 -1.43 19.69
C GLY A 156 -8.65 -1.19 18.26
N TYR A 157 -9.57 -1.59 17.37
CA TYR A 157 -9.43 -1.50 15.92
C TYR A 157 -10.01 -0.23 15.31
N LEU A 158 -10.49 0.70 16.13
CA LEU A 158 -11.22 1.87 15.66
C LEU A 158 -10.40 3.13 15.93
N ALA A 159 -10.09 3.89 14.88
CA ALA A 159 -9.50 5.21 15.07
C ALA A 159 -10.60 6.24 15.00
N THR A 160 -10.43 7.38 15.68
CA THR A 160 -11.45 8.41 15.54
C THR A 160 -11.14 9.49 14.51
N HIS A 161 -9.86 9.79 14.24
CA HIS A 161 -9.54 10.91 13.36
C HIS A 161 -8.54 10.45 12.31
N SER A 162 -8.41 11.25 11.26
CA SER A 162 -7.31 11.09 10.32
C SER A 162 -6.98 12.46 9.75
N GLN A 163 -5.79 12.57 9.17
CA GLN A 163 -5.46 13.68 8.29
C GLN A 163 -5.28 13.27 6.84
N ILE A 164 -5.44 11.97 6.51
CA ILE A 164 -5.17 11.50 5.15
C ILE A 164 -5.96 12.30 4.12
N ALA A 165 -7.19 12.69 4.45
CA ALA A 165 -8.06 13.29 3.45
C ALA A 165 -7.97 14.81 3.42
N THR A 166 -7.25 15.40 4.40
CA THR A 166 -7.31 16.83 4.68
C THR A 166 -5.97 17.48 4.99
N LYS A 167 -4.90 16.71 5.22
CA LYS A 167 -3.61 17.22 5.68
C LYS A 167 -3.73 18.00 7.00
N THR A 168 -4.85 17.84 7.69
CA THR A 168 -5.11 18.46 8.98
C THR A 168 -6.13 17.61 9.71
N SER A 169 -5.91 17.44 11.02
CA SER A 169 -6.71 16.49 11.79
C SER A 169 -8.20 16.81 11.69
N LYS A 170 -8.97 15.80 11.34
CA LYS A 170 -10.40 15.83 11.14
C LYS A 170 -11.01 14.48 11.54
N PRO A 171 -12.06 14.49 12.35
CA PRO A 171 -12.81 13.25 12.62
C PRO A 171 -13.23 12.57 11.33
N LEU A 172 -13.13 11.23 11.33
CA LEU A 172 -13.61 10.46 10.19
C LEU A 172 -15.07 10.77 9.89
N LEU A 173 -15.86 10.99 10.95
CA LEU A 173 -17.30 11.19 10.85
C LEU A 173 -17.66 12.47 10.10
N GLU A 174 -16.74 13.43 10.03
CA GLU A 174 -16.99 14.73 9.44
C GLU A 174 -16.19 14.93 8.17
N THR A 175 -15.69 13.85 7.58
CA THR A 175 -14.89 13.89 6.37
C THR A 175 -15.70 13.31 5.21
N SER A 176 -15.86 14.12 4.16
CA SER A 176 -16.66 13.72 3.00
C SER A 176 -15.82 12.90 2.03
N GLN A 177 -15.18 11.84 2.54
CA GLN A 177 -14.47 10.86 1.71
C GLN A 177 -14.51 9.53 2.42
N THR A 178 -14.17 8.48 1.68
CA THR A 178 -14.09 7.17 2.28
C THR A 178 -12.71 7.00 2.86
N VAL A 179 -12.61 6.83 4.16
CA VAL A 179 -11.32 6.68 4.82
C VAL A 179 -11.39 5.49 5.75
N SER A 180 -10.43 4.59 5.61
CA SER A 180 -10.25 3.49 6.52
C SER A 180 -8.97 3.69 7.31
N VAL A 181 -8.95 3.17 8.53
CA VAL A 181 -7.77 3.20 9.38
C VAL A 181 -7.55 1.81 9.95
N ILE A 182 -6.32 1.34 9.84
CA ILE A 182 -5.91 0.02 10.32
C ILE A 182 -4.95 0.31 11.46
N THR A 183 -5.32 -0.15 12.65
CA THR A 183 -4.61 0.19 13.86
C THR A 183 -3.44 -0.75 14.09
N ARG A 184 -2.51 -0.28 14.92
CA ARG A 184 -1.35 -1.09 15.28
C ARG A 184 -1.83 -2.42 15.82
N GLU A 185 -2.87 -2.38 16.67
CA GLU A 185 -3.48 -3.58 17.23
C GLU A 185 -4.03 -4.51 16.15
N GLN A 186 -4.67 -3.95 15.12
CA GLN A 186 -5.17 -4.78 14.03
C GLN A 186 -4.04 -5.45 13.28
N ILE A 187 -2.93 -4.74 13.09
CA ILE A 187 -1.81 -5.32 12.37
C ILE A 187 -1.29 -6.53 13.14
N ASP A 188 -1.07 -6.35 14.45
CA ASP A 188 -0.51 -7.41 15.30
C ASP A 188 -1.47 -8.59 15.46
N ASP A 189 -2.76 -8.32 15.68
CA ASP A 189 -3.73 -9.39 15.96
C ASP A 189 -3.89 -10.30 14.77
N THR A 190 -3.85 -9.72 13.57
CA THR A 190 -3.92 -10.46 12.33
C THR A 190 -2.56 -11.00 11.92
N ALA A 191 -1.52 -10.78 12.73
CA ALA A 191 -0.16 -11.20 12.37
C ALA A 191 0.17 -10.71 10.96
N SER A 192 0.10 -9.41 10.79
CA SER A 192 0.28 -8.83 9.48
C SER A 192 1.75 -8.58 9.16
N LYS A 193 2.22 -9.19 8.06
CA LYS A 193 3.65 -9.17 7.76
C LYS A 193 4.09 -8.12 6.76
N THR A 194 3.16 -7.55 5.97
CA THR A 194 3.47 -6.41 5.12
C THR A 194 2.36 -5.36 5.13
N VAL A 195 2.67 -4.18 4.61
CA VAL A 195 1.64 -3.17 4.36
C VAL A 195 0.54 -3.74 3.47
N GLN A 196 0.95 -4.43 2.38
CA GLN A 196 -0.03 -4.97 1.43
C GLN A 196 -0.98 -5.91 2.14
N GLN A 197 -0.42 -6.82 2.90
CA GLN A 197 -1.22 -7.77 3.63
C GLN A 197 -2.02 -7.11 4.74
N ALA A 198 -1.55 -6.01 5.34
CA ALA A 198 -2.35 -5.41 6.41
C ALA A 198 -3.74 -4.96 5.99
N MET A 199 -3.97 -4.73 4.71
CA MET A 199 -5.25 -4.25 4.21
C MET A 199 -6.15 -5.40 3.81
N ARG A 200 -5.73 -6.64 4.12
CA ARG A 200 -6.40 -7.82 3.61
C ARG A 200 -7.79 -7.95 4.23
N TYR A 201 -8.07 -7.14 5.25
CA TYR A 201 -9.39 -7.02 5.86
C TYR A 201 -10.08 -5.71 5.55
N THR A 202 -9.60 -4.95 4.57
CA THR A 202 -10.20 -3.64 4.34
C THR A 202 -11.05 -3.65 3.07
N PRO A 203 -12.23 -3.02 3.07
CA PRO A 203 -13.05 -3.04 1.87
C PRO A 203 -12.48 -2.15 0.78
N GLY A 204 -12.80 -2.49 -0.47
CA GLY A 204 -12.35 -1.83 -1.69
C GLY A 204 -10.91 -2.09 -2.09
N ILE A 205 -10.25 -3.05 -1.46
CA ILE A 205 -8.83 -3.32 -1.66
C ILE A 205 -8.66 -4.79 -2.01
N PHE A 206 -8.03 -5.06 -3.16
CA PHE A 206 -7.59 -6.39 -3.53
C PHE A 206 -6.09 -6.57 -3.29
N THR A 207 -5.77 -7.58 -2.48
CA THR A 207 -4.42 -7.93 -2.06
C THR A 207 -3.82 -9.18 -2.71
N GLY A 208 -4.33 -9.62 -3.87
CA GLY A 208 -3.70 -10.73 -4.57
C GLY A 208 -3.00 -10.54 -5.90
N GLN A 209 -2.63 -9.30 -6.25
CA GLN A 209 -2.12 -9.03 -7.59
C GLN A 209 -1.00 -9.99 -8.01
N VAL A 210 -0.11 -10.34 -7.09
CA VAL A 210 0.98 -11.26 -7.40
C VAL A 210 1.01 -12.34 -6.32
N GLY A 211 -0.16 -12.63 -5.77
CA GLY A 211 -0.33 -13.69 -4.79
C GLY A 211 0.62 -13.59 -3.61
N ALA A 212 1.19 -14.74 -3.25
CA ALA A 212 2.04 -14.88 -2.06
C ALA A 212 3.31 -14.02 -2.07
N SER A 213 3.68 -13.38 -3.18
CA SER A 213 4.92 -12.60 -3.20
C SER A 213 4.89 -11.49 -2.15
N ASN A 214 6.03 -11.28 -1.46
CA ASN A 214 6.18 -10.20 -0.49
C ASN A 214 7.22 -9.15 -0.89
N ARG A 215 7.62 -9.11 -2.17
CA ARG A 215 8.73 -8.23 -2.54
C ARG A 215 8.27 -6.78 -2.59
N TYR A 216 7.08 -6.54 -3.10
CA TYR A 216 6.53 -5.21 -3.27
C TYR A 216 5.14 -5.18 -2.67
N ASP A 217 4.68 -3.98 -2.33
CA ASP A 217 3.32 -3.79 -1.84
C ASP A 217 2.49 -3.34 -3.04
N TYR A 218 1.60 -4.25 -3.46
CA TYR A 218 0.68 -4.10 -4.57
C TYR A 218 -0.69 -3.87 -3.93
N VAL A 219 -1.20 -2.67 -4.11
CA VAL A 219 -2.44 -2.25 -3.48
C VAL A 219 -3.37 -1.86 -4.60
N VAL A 220 -4.29 -2.77 -4.93
CA VAL A 220 -5.27 -2.54 -5.97
C VAL A 220 -6.46 -1.87 -5.27
N MET A 221 -6.85 -0.68 -5.71
CA MET A 221 -7.89 0.09 -5.03
C MET A 221 -9.03 0.31 -6.00
N ARG A 222 -10.21 -0.15 -5.60
CA ARG A 222 -11.42 0.05 -6.38
C ARG A 222 -11.24 -0.47 -7.82
N GLY A 223 -10.42 -1.52 -7.95
CA GLY A 223 -10.14 -2.25 -9.17
C GLY A 223 -9.07 -1.67 -10.08
N PHE A 224 -8.38 -0.62 -9.66
CA PHE A 224 -7.30 -0.03 -10.47
C PHE A 224 -5.98 -0.71 -10.11
N ALA A 225 -5.60 -1.72 -10.88
CA ALA A 225 -4.42 -2.52 -10.57
C ALA A 225 -3.15 -1.92 -11.14
N ASP A 226 -3.26 -1.18 -12.23
CA ASP A 226 -2.10 -0.64 -12.90
C ASP A 226 -1.50 0.50 -12.08
N ASN A 227 -0.18 0.42 -11.88
CA ASN A 227 0.64 1.29 -11.01
C ASN A 227 0.29 1.13 -9.53
N SER A 228 -0.36 0.03 -9.16
CA SER A 228 -0.64 -0.29 -7.76
C SER A 228 0.56 -0.26 -6.81
N VAL A 229 1.79 -0.39 -7.31
CA VAL A 229 2.95 -0.21 -6.43
C VAL A 229 3.27 1.23 -6.06
N ASP A 230 2.61 2.23 -6.63
CA ASP A 230 2.94 3.63 -6.37
C ASP A 230 1.87 4.35 -5.56
N ASN A 231 1.03 3.61 -4.86
CA ASN A 231 -0.06 4.13 -4.04
C ASN A 231 0.34 4.47 -2.60
N ILE A 232 1.59 4.32 -2.20
CA ILE A 232 1.95 4.40 -0.79
C ILE A 232 2.59 5.75 -0.48
N TYR A 233 2.14 6.36 0.61
CA TYR A 233 2.66 7.59 1.19
C TYR A 233 3.16 7.26 2.58
N LEU A 234 4.22 7.93 3.02
CA LEU A 234 4.76 7.74 4.35
C LEU A 234 4.96 9.08 5.05
N ASP A 235 4.34 9.22 6.21
CA ASP A 235 4.40 10.45 6.99
C ASP A 235 4.11 11.69 6.13
N GLY A 236 3.03 11.60 5.34
CA GLY A 236 2.57 12.69 4.52
C GLY A 236 3.25 12.90 3.18
N LEU A 237 4.20 12.05 2.80
CA LEU A 237 5.04 12.30 1.64
C LEU A 237 5.02 11.08 0.73
N LYS A 238 4.78 11.28 -0.57
CA LYS A 238 4.94 10.21 -1.55
C LYS A 238 6.22 9.43 -1.34
N ALA A 239 6.09 8.10 -1.40
CA ALA A 239 7.19 7.19 -1.07
C ALA A 239 8.39 7.31 -2.00
N MET A 240 8.17 7.67 -3.26
CA MET A 240 9.24 8.03 -4.23
C MET A 240 9.91 6.86 -4.90
N GLY A 241 9.42 5.63 -4.77
CA GLY A 241 9.80 4.60 -5.70
C GLY A 241 9.53 5.00 -7.14
N ASP A 242 10.16 4.30 -8.08
CA ASP A 242 9.94 4.52 -9.51
C ASP A 242 9.29 3.25 -10.03
N SER A 243 7.96 3.30 -10.21
CA SER A 243 7.20 2.14 -10.68
C SER A 243 7.52 1.71 -12.10
N GLY A 244 8.27 2.49 -12.86
CA GLY A 244 8.78 1.99 -14.13
C GLY A 244 10.09 1.24 -14.06
N THR A 245 10.55 0.90 -12.86
CA THR A 245 11.82 0.22 -12.63
C THR A 245 11.60 -0.80 -11.52
N PHE A 246 12.67 -1.46 -11.12
CA PHE A 246 12.60 -2.36 -9.98
C PHE A 246 12.74 -1.63 -8.65
N SER A 247 13.00 -0.33 -8.66
CA SER A 247 13.26 0.42 -7.42
C SER A 247 11.96 0.98 -6.85
N SER A 248 11.12 0.06 -6.39
CA SER A 248 9.98 0.41 -5.54
C SER A 248 10.31 0.02 -4.09
N MET A 249 10.08 0.96 -3.17
CA MET A 249 10.42 0.77 -1.77
C MET A 249 9.31 0.01 -1.05
N GLN A 250 9.68 -0.51 0.13
CA GLN A 250 8.73 -1.21 0.98
C GLN A 250 9.02 -0.79 2.41
N VAL A 251 7.96 -0.43 3.14
CA VAL A 251 8.02 -0.05 4.54
C VAL A 251 7.61 -1.24 5.40
N ASP A 252 8.48 -1.64 6.32
CA ASP A 252 8.14 -2.75 7.21
C ASP A 252 7.09 -2.33 8.22
N PRO A 253 6.04 -3.13 8.42
CA PRO A 253 4.97 -2.74 9.36
C PRO A 253 5.41 -2.53 10.79
N TYR A 254 6.56 -3.07 11.19
CA TYR A 254 6.96 -2.97 12.59
C TYR A 254 7.32 -1.55 12.98
N PHE A 255 7.64 -0.71 11.99
CA PHE A 255 7.90 0.70 12.17
C PHE A 255 6.63 1.53 12.20
N LEU A 256 5.46 0.91 12.06
CA LEU A 256 4.28 1.69 11.76
C LEU A 256 3.36 1.71 12.96
N GLU A 257 2.77 2.86 13.17
CA GLU A 257 1.74 3.12 14.15
C GLU A 257 0.35 2.96 13.55
N ARG A 258 0.18 3.35 12.29
CA ARG A 258 -1.13 3.29 11.68
C ARG A 258 -1.03 3.26 10.17
N ILE A 259 -2.10 2.77 9.55
CA ILE A 259 -2.23 2.70 8.11
C ILE A 259 -3.55 3.39 7.81
N ASP A 260 -3.51 4.40 6.96
CA ASP A 260 -4.71 5.11 6.59
C ASP A 260 -4.96 4.89 5.11
N VAL A 261 -6.22 4.74 4.74
CA VAL A 261 -6.55 4.40 3.36
C VAL A 261 -7.60 5.40 2.89
N LEU A 262 -7.30 6.12 1.83
CA LEU A 262 -8.18 7.10 1.22
C LEU A 262 -8.63 6.57 -0.13
N LYS A 263 -9.93 6.46 -0.34
CA LYS A 263 -10.45 5.88 -1.57
C LYS A 263 -10.71 6.94 -2.63
N GLY A 264 -10.40 6.60 -3.87
CA GLY A 264 -10.71 7.42 -5.01
C GLY A 264 -9.73 8.55 -5.26
N PRO A 265 -9.96 9.25 -6.37
CA PRO A 265 -8.99 10.26 -6.83
C PRO A 265 -8.73 11.28 -5.75
N SER A 266 -7.44 11.58 -5.52
CA SER A 266 -7.07 12.43 -4.39
C SER A 266 -5.88 13.35 -4.70
N SER A 267 -5.68 13.72 -5.98
CA SER A 267 -4.53 14.54 -6.34
C SER A 267 -4.60 15.96 -5.80
N VAL A 268 -5.78 16.44 -5.42
CA VAL A 268 -5.93 17.84 -5.00
C VAL A 268 -5.02 18.18 -3.81
N LEU A 269 -4.65 17.20 -3.00
CA LEU A 269 -3.71 17.47 -1.92
C LEU A 269 -2.31 16.88 -2.13
N TYR A 270 -2.16 15.93 -3.03
CA TYR A 270 -0.98 15.10 -3.13
C TYR A 270 -0.28 15.15 -4.49
N GLY A 271 -0.92 15.73 -5.50
CA GLY A 271 -0.42 15.65 -6.88
C GLY A 271 -0.59 14.28 -7.50
N ARG A 272 0.45 13.82 -8.20
CA ARG A 272 0.31 12.63 -9.05
C ARG A 272 -0.12 11.42 -8.24
N SER A 273 -1.18 10.74 -8.68
CA SER A 273 -1.71 9.60 -7.94
C SER A 273 -2.75 8.87 -8.79
N LEU A 274 -3.18 7.70 -8.30
CA LEU A 274 -4.02 6.80 -9.10
C LEU A 274 -5.49 6.97 -8.76
N PRO A 275 -6.38 6.52 -9.64
CA PRO A 275 -7.81 6.80 -9.44
C PRO A 275 -8.44 5.97 -8.34
N GLY A 276 -7.80 4.88 -7.91
CA GLY A 276 -8.33 4.08 -6.83
C GLY A 276 -8.21 4.69 -5.45
N GLY A 277 -7.33 5.67 -5.28
CA GLY A 277 -7.06 6.16 -3.95
C GLY A 277 -5.59 6.01 -3.57
N LEU A 278 -5.30 6.07 -2.29
CA LEU A 278 -3.91 6.03 -1.85
C LEU A 278 -3.85 5.58 -0.40
N VAL A 279 -2.66 5.17 0.03
CA VAL A 279 -2.44 4.59 1.34
C VAL A 279 -1.41 5.44 2.06
N ALA A 280 -1.72 5.81 3.30
CA ALA A 280 -0.83 6.66 4.08
C ALA A 280 -0.37 5.87 5.30
N LEU A 281 0.93 5.62 5.38
CA LEU A 281 1.53 4.96 6.53
C LEU A 281 1.95 6.05 7.51
N THR A 282 1.67 5.84 8.79
CA THR A 282 2.12 6.77 9.81
C THR A 282 3.18 6.06 10.64
N SER A 283 4.36 6.66 10.70
CA SER A 283 5.44 6.05 11.44
C SER A 283 5.29 6.22 12.93
N LYS A 284 5.92 5.32 13.65
CA LYS A 284 6.08 5.45 15.09
C LYS A 284 6.93 6.68 15.41
N LYS A 285 6.57 7.42 16.45
CA LYS A 285 7.25 8.64 16.86
C LYS A 285 7.74 8.52 18.30
N PRO A 286 8.70 9.36 18.70
CA PRO A 286 9.16 9.32 20.10
C PRO A 286 8.00 9.51 21.08
N LEU A 287 8.01 8.67 22.11
CA LEU A 287 7.13 8.81 23.26
C LEU A 287 7.80 9.58 24.38
N TYR A 288 6.98 10.32 25.15
CA TYR A 288 7.44 11.10 26.28
C TYR A 288 7.31 10.36 27.61
N GLU A 289 7.03 9.06 27.58
CA GLU A 289 7.30 8.23 28.74
C GLU A 289 8.05 7.00 28.22
N ASP A 290 8.91 6.50 29.10
CA ASP A 290 9.75 5.35 28.83
C ASP A 290 8.98 4.15 28.30
N TYR A 291 9.48 3.59 27.20
CA TYR A 291 8.84 2.42 26.60
C TYR A 291 9.95 1.57 26.06
N ARG A 292 9.88 0.27 26.29
CA ARG A 292 10.93 -0.64 25.85
C ARG A 292 10.19 -1.91 25.54
N GLN A 293 10.31 -2.41 24.34
CA GLN A 293 9.68 -3.66 23.98
C GLN A 293 10.67 -4.52 23.23
N ILE A 294 10.67 -5.82 23.53
CA ILE A 294 11.43 -6.79 22.75
C ILE A 294 10.47 -7.88 22.33
N THR A 295 10.62 -8.33 21.09
CA THR A 295 9.70 -9.27 20.48
C THR A 295 10.49 -10.29 19.67
N GLY A 296 9.96 -11.49 19.64
CA GLY A 296 10.63 -12.53 18.93
C GLY A 296 9.51 -13.30 18.30
N SER A 297 9.72 -13.78 17.07
CA SER A 297 8.74 -14.62 16.44
C SER A 297 9.43 -15.76 15.72
N ILE A 298 8.69 -16.86 15.62
CA ILE A 298 9.10 -18.05 14.89
C ILE A 298 7.89 -18.64 14.19
N GLY A 299 8.10 -19.26 13.04
CA GLY A 299 7.01 -19.83 12.31
C GLY A 299 7.44 -20.99 11.42
N ASN A 300 6.48 -21.51 10.67
CA ASN A 300 6.78 -22.43 9.59
C ASN A 300 7.50 -21.69 8.46
N MET A 301 7.95 -22.44 7.45
CA MET A 301 8.63 -21.84 6.29
C MET A 301 9.93 -21.17 6.70
N GLY A 302 10.56 -21.69 7.75
CA GLY A 302 11.81 -21.15 8.27
C GLY A 302 11.73 -19.70 8.72
N GLN A 303 10.56 -19.23 9.14
CA GLN A 303 10.44 -17.83 9.56
C GLN A 303 11.10 -17.63 10.93
N LYS A 304 11.93 -16.58 11.07
CA LYS A 304 12.37 -16.05 12.36
C LYS A 304 12.43 -14.55 12.22
N GLU A 305 12.27 -13.84 13.34
CA GLU A 305 12.26 -12.37 13.42
C GLU A 305 12.65 -11.91 14.82
N MET A 306 13.40 -10.82 14.84
CA MET A 306 13.73 -10.13 16.03
C MET A 306 13.41 -8.68 15.93
N GLY A 307 12.81 -8.04 16.94
CA GLY A 307 12.70 -6.61 16.88
C GLY A 307 12.87 -6.12 18.29
N PHE A 308 13.12 -4.83 18.43
CA PHE A 308 13.09 -4.14 19.69
C PHE A 308 12.53 -2.78 19.34
N ASP A 309 11.96 -2.14 20.33
CA ASP A 309 11.36 -0.84 20.11
C ASP A 309 11.52 -0.05 21.40
N PHE A 310 12.48 0.89 21.42
CA PHE A 310 12.75 1.64 22.64
C PHE A 310 12.48 3.12 22.39
N SER A 311 11.85 3.76 23.38
CA SER A 311 11.43 5.13 23.27
C SER A 311 11.38 5.73 24.67
N GLY A 312 11.52 7.04 24.75
CA GLY A 312 11.35 7.75 25.98
C GLY A 312 12.04 9.10 25.95
N PRO A 313 11.77 9.91 26.96
CA PRO A 313 12.36 11.25 26.99
C PRO A 313 13.83 11.20 27.40
N LEU A 314 14.57 12.18 26.87
CA LEU A 314 15.99 12.37 27.15
C LEU A 314 16.25 13.56 28.06
N ASP A 315 15.23 14.36 28.36
CA ASP A 315 15.46 15.56 29.13
C ASP A 315 14.58 15.50 30.37
N GLU A 316 15.06 16.11 31.43
CA GLU A 316 14.30 16.16 32.67
C GLU A 316 12.96 16.83 32.47
N GLU A 317 12.93 17.87 31.64
CA GLU A 317 11.71 18.57 31.30
C GLU A 317 10.81 17.86 30.28
N LYS A 318 11.24 16.73 29.71
CA LYS A 318 10.44 16.00 28.70
C LYS A 318 10.16 16.84 27.44
N ARG A 319 11.09 17.73 27.05
CA ARG A 319 10.95 18.43 25.77
C ARG A 319 11.71 17.73 24.65
N ILE A 320 12.55 16.75 24.97
CA ILE A 320 13.38 16.04 24.00
C ILE A 320 13.14 14.55 24.22
N ALA A 321 12.75 13.86 23.16
CA ALA A 321 12.44 12.44 23.22
C ALA A 321 12.95 11.73 21.98
N TYR A 322 13.30 10.46 22.15
CA TYR A 322 13.82 9.61 21.11
C TYR A 322 12.92 8.39 20.91
N ARG A 323 13.06 7.76 19.75
CA ARG A 323 12.61 6.39 19.52
C ARG A 323 13.65 5.74 18.64
N LEU A 324 13.95 4.47 18.90
CA LEU A 324 14.93 3.75 18.11
C LEU A 324 14.38 2.34 17.94
N ILE A 325 14.19 1.93 16.69
CA ILE A 325 13.57 0.65 16.38
C ILE A 325 14.44 -0.13 15.41
N GLY A 326 14.67 -1.40 15.71
CA GLY A 326 15.48 -2.24 14.86
C GLY A 326 14.80 -3.58 14.71
N LEU A 327 15.21 -4.31 13.66
CA LEU A 327 14.52 -5.57 13.38
C LEU A 327 15.43 -6.36 12.44
N GLY A 328 15.32 -7.67 12.54
CA GLY A 328 15.98 -8.66 11.69
C GLY A 328 15.00 -9.75 11.37
N LYS A 329 14.94 -10.16 10.08
CA LYS A 329 14.00 -11.25 9.82
C LYS A 329 14.50 -12.04 8.61
N GLY A 330 13.90 -13.22 8.45
CA GLY A 330 14.33 -14.15 7.41
C GLY A 330 13.14 -15.04 7.14
N SER A 331 13.10 -15.59 5.94
CA SER A 331 12.08 -16.60 5.69
C SER A 331 12.44 -17.47 4.49
N ASP A 332 12.06 -18.75 4.55
CA ASP A 332 11.95 -19.52 3.32
C ASP A 332 10.54 -19.23 2.86
N THR A 333 10.15 -19.65 1.67
CA THR A 333 8.74 -19.30 1.56
C THR A 333 8.20 -20.62 1.06
N GLN A 334 6.93 -20.63 0.66
CA GLN A 334 6.41 -21.89 0.17
C GLN A 334 7.24 -22.38 -0.97
N PHE A 335 8.02 -21.50 -1.58
CA PHE A 335 8.63 -21.77 -2.86
C PHE A 335 10.02 -22.33 -2.59
N ASP A 336 10.35 -23.38 -3.33
CA ASP A 336 11.66 -24.02 -3.22
C ASP A 336 12.80 -23.03 -3.51
N HIS A 337 13.90 -23.19 -2.76
CA HIS A 337 15.18 -22.48 -2.92
C HIS A 337 15.13 -20.96 -2.71
N VAL A 338 14.08 -20.42 -2.08
CA VAL A 338 13.95 -18.96 -1.98
C VAL A 338 14.21 -18.55 -0.53
N LYS A 339 14.83 -17.38 -0.37
CA LYS A 339 14.98 -16.77 0.95
C LYS A 339 14.46 -15.33 0.92
N GLU A 340 13.85 -14.95 2.04
CA GLU A 340 13.67 -13.57 2.42
C GLU A 340 14.52 -13.26 3.65
N GLU A 341 15.08 -12.06 3.68
CA GLU A 341 15.86 -11.61 4.81
C GLU A 341 15.84 -10.10 4.84
N ARG A 342 15.69 -9.53 6.04
CA ARG A 342 15.69 -8.08 6.18
C ARG A 342 16.30 -7.66 7.51
N TYR A 343 17.03 -6.55 7.47
CA TYR A 343 17.59 -5.88 8.63
C TYR A 343 17.28 -4.40 8.48
N ALA A 344 16.77 -3.78 9.54
CA ALA A 344 16.38 -2.38 9.44
C ALA A 344 16.50 -1.73 10.80
N ILE A 345 16.75 -0.43 10.79
CA ILE A 345 16.86 0.39 11.99
C ILE A 345 16.27 1.76 11.70
N ALA A 346 15.53 2.30 12.66
CA ALA A 346 14.88 3.60 12.51
C ALA A 346 15.12 4.47 13.73
N PRO A 347 16.03 5.43 13.66
CA PRO A 347 16.15 6.40 14.76
C PRO A 347 15.24 7.58 14.50
N THR A 348 14.66 8.11 15.57
CA THR A 348 13.84 9.30 15.50
C THR A 348 14.15 10.16 16.71
N LEU A 349 14.19 11.48 16.52
CA LEU A 349 14.42 12.44 17.59
C LEU A 349 13.40 13.56 17.51
N ALA A 350 12.78 13.89 18.65
CA ALA A 350 11.79 14.94 18.72
C ALA A 350 12.20 16.02 19.72
N ILE A 351 12.15 17.26 19.28
CA ILE A 351 12.60 18.41 20.05
C ILE A 351 11.54 19.51 20.06
N ASP A 352 11.13 19.92 21.26
CA ASP A 352 10.29 21.09 21.41
C ASP A 352 11.21 22.28 21.70
N PHE A 353 11.32 23.22 20.75
CA PHE A 353 12.03 24.46 21.03
C PHE A 353 11.26 25.32 22.01
N SER A 354 9.94 25.32 21.90
CA SER A 354 9.08 25.70 22.99
C SER A 354 7.76 24.96 22.81
N ASP A 355 6.71 25.43 23.47
CA ASP A 355 5.35 24.95 23.25
C ASP A 355 4.86 25.25 21.83
N ASP A 356 5.51 26.17 21.12
CA ASP A 356 5.03 26.59 19.81
C ASP A 356 5.72 25.89 18.65
N THR A 357 6.87 25.26 18.86
CA THR A 357 7.71 24.76 17.78
C THR A 357 8.16 23.34 18.13
N THR A 358 7.99 22.40 17.21
CA THR A 358 8.56 21.06 17.35
C THR A 358 9.28 20.64 16.07
N LEU A 359 10.52 20.17 16.23
CA LEU A 359 11.28 19.55 15.15
C LEU A 359 11.43 18.05 15.40
N THR A 360 11.05 17.24 14.42
CA THR A 360 11.23 15.78 14.48
C THR A 360 12.19 15.30 13.39
N LEU A 361 13.23 14.59 13.81
CA LEU A 361 14.31 14.14 12.95
C LEU A 361 14.14 12.63 12.75
N GLN A 362 14.24 12.17 11.50
CA GLN A 362 13.93 10.78 11.20
C GLN A 362 14.97 10.10 10.32
N GLY A 363 15.24 8.84 10.64
CA GLY A 363 16.13 8.01 9.86
C GLY A 363 15.44 6.69 9.62
N TYR A 364 15.73 6.06 8.47
CA TYR A 364 15.19 4.72 8.27
C TYR A 364 16.14 4.04 7.29
N LEU A 365 16.83 3.01 7.74
CA LEU A 365 17.86 2.35 6.94
C LEU A 365 17.48 0.89 6.88
N GLN A 366 17.30 0.35 5.67
CA GLN A 366 16.82 -1.01 5.50
C GLN A 366 17.60 -1.76 4.44
N HIS A 367 17.99 -2.99 4.76
CA HIS A 367 18.73 -3.87 3.85
C HIS A 367 17.94 -5.15 3.70
N ASP A 368 17.50 -5.43 2.47
CA ASP A 368 16.90 -6.69 2.10
C ASP A 368 17.95 -7.38 1.26
N PRO A 369 18.80 -8.22 1.84
CA PRO A 369 19.79 -8.95 1.02
C PRO A 369 19.18 -10.07 0.19
N ASN A 370 17.95 -10.49 0.48
CA ASN A 370 17.21 -11.44 -0.35
C ASN A 370 15.80 -10.93 -0.53
N GLY A 371 15.19 -11.29 -1.66
CA GLY A 371 13.93 -10.68 -2.01
C GLY A 371 12.77 -11.63 -2.18
N GLY A 372 12.84 -12.80 -1.54
CA GLY A 372 11.79 -13.79 -1.70
C GLY A 372 11.54 -14.17 -3.15
N TYR A 373 10.28 -14.49 -3.42
CA TYR A 373 9.84 -14.96 -4.72
C TYR A 373 8.99 -13.87 -5.35
N HIS A 374 9.18 -13.64 -6.64
CA HIS A 374 8.45 -12.60 -7.36
C HIS A 374 8.25 -13.10 -8.78
N GLY A 375 7.62 -14.27 -8.91
CA GLY A 375 7.43 -14.90 -10.19
C GLY A 375 5.98 -15.30 -10.38
N GLY A 376 5.72 -15.93 -11.52
CA GLY A 376 4.41 -16.42 -11.85
C GLY A 376 4.57 -17.52 -12.86
N VAL A 377 3.55 -18.35 -12.98
CA VAL A 377 3.65 -19.44 -13.95
C VAL A 377 2.41 -19.40 -14.85
N PRO A 378 2.34 -20.22 -15.90
CA PRO A 378 1.20 -20.12 -16.82
C PRO A 378 -0.09 -20.55 -16.16
N ALA A 379 -1.21 -19.89 -16.56
CA ALA A 379 -2.51 -20.43 -16.17
C ALA A 379 -2.64 -21.88 -16.60
N ASP A 380 -2.33 -22.17 -17.88
CA ASP A 380 -2.45 -23.54 -18.40
C ASP A 380 -1.90 -24.08 -17.09
N GLY A 381 -2.50 -25.12 -16.57
CA GLY A 381 -1.99 -26.14 -15.68
C GLY A 381 -1.74 -25.64 -14.27
N THR A 382 -2.48 -24.61 -13.86
CA THR A 382 -2.52 -24.05 -12.51
C THR A 382 -4.01 -24.03 -12.24
N LEU A 383 -4.75 -23.36 -13.16
CA LEU A 383 -6.21 -23.27 -13.23
C LEU A 383 -6.90 -24.47 -13.87
N SER A 384 -6.19 -25.25 -14.69
CA SER A 384 -6.64 -26.50 -15.29
C SER A 384 -5.48 -27.48 -15.27
N HIS A 385 -5.74 -28.74 -15.58
CA HIS A 385 -4.62 -29.66 -15.73
C HIS A 385 -3.83 -29.36 -17.02
N HIS A 386 -2.52 -29.63 -16.96
CA HIS A 386 -1.61 -29.59 -18.11
C HIS A 386 -1.06 -30.98 -18.34
N ASN A 387 -1.40 -31.57 -19.49
CA ASN A 387 -1.09 -32.96 -19.76
C ASN A 387 -1.29 -33.77 -18.48
N GLY A 388 -2.49 -33.60 -17.91
CA GLY A 388 -2.97 -34.34 -16.76
C GLY A 388 -2.31 -34.06 -15.42
N ARG A 389 -1.56 -32.98 -15.26
CA ARG A 389 -0.90 -32.73 -13.98
C ARG A 389 -1.05 -31.26 -13.57
N HIS A 390 -0.81 -30.96 -12.29
CA HIS A 390 -0.84 -29.60 -11.75
C HIS A 390 0.53 -29.18 -11.25
N ILE A 391 0.90 -27.93 -11.54
CA ILE A 391 2.09 -27.30 -10.95
C ILE A 391 1.97 -27.09 -9.45
N SER A 392 3.04 -27.40 -8.73
CA SER A 392 3.06 -27.24 -7.29
C SER A 392 3.15 -25.78 -6.88
N ARG A 393 2.60 -25.48 -5.71
CA ARG A 393 2.56 -24.14 -5.11
C ARG A 393 3.91 -23.77 -4.51
N GLU A 394 4.85 -24.71 -4.54
CA GLU A 394 6.21 -24.58 -4.02
C GLU A 394 7.22 -24.54 -5.15
N PHE A 395 6.74 -24.53 -6.39
CA PHE A 395 7.60 -24.56 -7.57
C PHE A 395 8.37 -23.26 -7.73
N PHE A 396 9.66 -23.39 -8.05
CA PHE A 396 10.54 -22.26 -8.30
C PHE A 396 10.90 -22.28 -9.78
N ASP A 397 10.51 -21.23 -10.52
CA ASP A 397 10.73 -21.17 -11.96
C ASP A 397 12.09 -20.64 -12.35
N GLY A 398 12.93 -20.29 -11.37
CA GLY A 398 14.22 -19.69 -11.63
C GLY A 398 15.37 -20.68 -11.62
N GLU A 399 16.55 -20.16 -11.35
CA GLU A 399 17.78 -20.94 -11.22
C GLU A 399 18.41 -20.61 -9.89
N PRO A 400 18.58 -21.59 -8.99
CA PRO A 400 19.12 -21.28 -7.66
C PRO A 400 20.50 -20.69 -7.72
N SER A 401 21.24 -20.89 -8.81
CA SER A 401 22.56 -20.30 -8.89
C SER A 401 22.50 -18.87 -9.42
N LYS A 402 21.34 -18.42 -9.89
CA LYS A 402 21.17 -17.09 -10.48
C LYS A 402 19.82 -16.45 -10.12
N ASP A 403 19.57 -16.25 -8.83
CA ASP A 403 18.29 -15.74 -8.33
C ASP A 403 18.66 -14.84 -7.16
N ASP A 404 18.79 -13.53 -7.45
CA ASP A 404 19.21 -12.53 -6.48
C ASP A 404 18.26 -11.35 -6.56
N PHE A 405 17.94 -10.80 -5.39
CA PHE A 405 17.33 -9.48 -5.23
C PHE A 405 17.91 -8.77 -4.02
N ASP A 406 18.69 -7.72 -4.25
CA ASP A 406 19.34 -6.98 -3.18
C ASP A 406 18.92 -5.52 -3.21
N ARG A 407 18.15 -5.10 -2.21
CA ARG A 407 17.61 -3.76 -2.18
C ARG A 407 18.08 -3.10 -0.90
N THR A 408 18.86 -2.03 -1.02
CA THR A 408 19.23 -1.25 0.15
C THR A 408 18.53 0.08 0.01
N GLN A 409 17.70 0.42 0.99
CA GLN A 409 16.95 1.66 0.98
C GLN A 409 17.39 2.50 2.18
N ARG A 410 17.88 3.71 1.91
CA ARG A 410 18.34 4.64 2.95
C ARG A 410 17.53 5.93 2.94
N MET A 411 16.81 6.21 4.02
CA MET A 411 16.00 7.42 4.10
C MET A 411 16.33 8.21 5.35
N PHE A 412 16.36 9.55 5.22
CA PHE A 412 16.38 10.44 6.36
C PHE A 412 15.46 11.63 6.06
N GLY A 413 14.87 12.21 7.09
CA GLY A 413 14.07 13.40 6.87
C GLY A 413 13.67 14.06 8.17
N TYR A 414 12.78 15.04 8.08
CA TYR A 414 12.36 15.76 9.26
C TYR A 414 10.99 16.37 9.00
N GLN A 415 10.31 16.66 10.11
CA GLN A 415 9.08 17.41 10.08
C GLN A 415 9.19 18.53 11.10
N LEU A 416 8.99 19.75 10.64
CA LEU A 416 9.08 20.95 11.46
C LEU A 416 7.68 21.49 11.65
N GLU A 417 7.26 21.63 12.90
CA GLU A 417 5.92 22.07 13.23
C GLU A 417 6.01 23.36 14.02
N HIS A 418 5.36 24.42 13.52
CA HIS A 418 5.42 25.73 14.15
C HIS A 418 4.01 26.32 14.27
N ARG A 419 3.56 26.55 15.51
CA ARG A 419 2.33 27.28 15.76
C ARG A 419 2.69 28.76 15.87
N ILE A 420 2.08 29.60 15.03
CA ILE A 420 2.27 31.07 15.07
C ILE A 420 1.32 31.74 16.05
N ASP A 421 0.06 31.28 16.06
CA ASP A 421 -1.17 31.89 16.58
C ASP A 421 -2.15 30.79 16.96
N ASP A 422 -3.24 31.17 17.61
CA ASP A 422 -4.32 30.21 17.67
C ASP A 422 -4.97 30.06 16.32
N VAL A 423 -4.70 31.02 15.42
CA VAL A 423 -5.14 31.01 14.05
C VAL A 423 -4.18 30.34 13.06
N TRP A 424 -2.94 30.82 13.05
CA TRP A 424 -1.92 30.41 12.07
C TRP A 424 -1.00 29.30 12.53
N SER A 425 -0.82 28.30 11.65
CA SER A 425 0.16 27.24 11.85
C SER A 425 0.86 26.94 10.54
N ALA A 426 2.09 26.41 10.65
CA ALA A 426 2.93 26.11 9.52
C ALA A 426 3.62 24.77 9.75
N ARG A 427 3.97 24.09 8.68
CA ARG A 427 4.61 22.78 8.80
C ARG A 427 5.46 22.54 7.57
N GLN A 428 6.61 21.90 7.77
CA GLN A 428 7.47 21.46 6.68
C GLN A 428 7.78 20.00 6.91
N ASN A 429 7.40 19.15 5.97
CA ASN A 429 7.77 17.74 5.96
C ASN A 429 8.81 17.54 4.88
N PHE A 430 9.88 16.84 5.23
CA PHE A 430 10.98 16.66 4.29
C PHE A 430 11.50 15.23 4.37
N ARG A 431 11.79 14.63 3.21
CA ARG A 431 12.45 13.32 3.18
C ARG A 431 13.34 13.16 1.97
N TYR A 432 14.57 12.68 2.20
CA TYR A 432 15.51 12.23 1.18
C TYR A 432 15.61 10.71 1.17
N LEU A 433 15.70 10.15 -0.03
CA LEU A 433 15.79 8.70 -0.22
C LEU A 433 16.93 8.37 -1.17
N ASP A 434 17.66 7.31 -0.84
CA ASP A 434 18.73 6.77 -1.67
C ASP A 434 18.66 5.26 -1.60
N SER A 435 18.48 4.61 -2.74
CA SER A 435 18.36 3.16 -2.75
C SER A 435 19.19 2.50 -3.83
N ASP A 436 19.55 1.26 -3.56
CA ASP A 436 20.24 0.40 -4.50
C ASP A 436 19.40 -0.85 -4.66
N VAL A 437 19.18 -1.26 -5.90
CA VAL A 437 18.49 -2.53 -6.15
C VAL A 437 19.33 -3.31 -7.15
N ASP A 438 19.61 -4.57 -6.81
CA ASP A 438 20.28 -5.50 -7.70
C ASP A 438 19.39 -6.71 -7.92
N LEU A 439 19.17 -7.09 -9.17
CA LEU A 439 18.27 -8.18 -9.49
C LEU A 439 18.96 -9.13 -10.47
N SER A 440 18.86 -10.42 -10.18
CA SER A 440 19.08 -11.49 -11.15
C SER A 440 17.90 -12.43 -11.05
N GLN A 441 17.14 -12.58 -12.13
CA GLN A 441 15.98 -13.45 -12.07
C GLN A 441 15.82 -14.20 -13.38
N VAL A 442 15.82 -15.53 -13.30
CA VAL A 442 15.35 -16.38 -14.38
C VAL A 442 13.88 -16.67 -14.08
N TYR A 443 13.02 -16.48 -15.06
CA TYR A 443 11.59 -16.66 -14.85
C TYR A 443 10.96 -17.44 -15.98
N ALA A 444 9.84 -18.09 -15.67
CA ALA A 444 9.13 -18.81 -16.71
C ALA A 444 8.31 -17.79 -17.50
N TYR A 445 8.19 -18.04 -18.81
CA TYR A 445 7.34 -17.22 -19.66
C TYR A 445 6.76 -18.11 -20.76
N GLY A 446 5.65 -18.77 -20.47
CA GLY A 446 5.02 -19.64 -21.43
C GLY A 446 5.65 -21.03 -21.53
N TRP A 447 4.90 -21.92 -22.19
CA TRP A 447 5.33 -23.30 -22.41
C TRP A 447 6.24 -23.46 -23.61
N SER A 448 7.24 -24.33 -23.47
CA SER A 448 8.07 -24.66 -24.62
C SER A 448 7.17 -25.25 -25.71
N ALA A 449 7.32 -24.73 -26.92
CA ALA A 449 6.61 -25.28 -28.07
C ALA A 449 7.10 -26.66 -28.46
N SER A 450 8.35 -26.98 -28.16
CA SER A 450 8.94 -28.27 -28.48
C SER A 450 9.02 -29.27 -27.34
N GLU A 451 9.18 -28.84 -26.10
CA GLU A 451 9.42 -29.77 -25.00
C GLU A 451 8.24 -29.87 -24.07
N PRO A 452 7.63 -31.07 -24.02
CA PRO A 452 6.25 -31.19 -23.52
C PRO A 452 6.00 -30.56 -22.15
N ASN A 453 6.76 -30.93 -21.12
CA ASN A 453 6.50 -30.39 -19.79
C ASN A 453 7.57 -29.41 -19.31
N LYS A 454 8.20 -28.67 -20.22
CA LYS A 454 9.15 -27.68 -19.84
C LYS A 454 8.62 -26.30 -20.23
N LEU A 455 8.96 -25.33 -19.41
CA LEU A 455 8.59 -23.96 -19.63
C LEU A 455 9.73 -23.25 -20.34
N ASN A 456 9.38 -22.39 -21.29
CA ASN A 456 10.39 -21.51 -21.81
C ASN A 456 10.76 -20.56 -20.69
N ARG A 457 12.03 -20.20 -20.63
CA ARG A 457 12.45 -19.29 -19.59
C ARG A 457 13.31 -18.18 -20.20
N TYR A 458 13.29 -17.07 -19.49
CA TYR A 458 14.06 -15.89 -19.85
C TYR A 458 14.75 -15.36 -18.61
N PHE A 459 15.56 -14.34 -18.82
CA PHE A 459 16.40 -13.80 -17.77
C PHE A 459 16.21 -12.29 -17.77
N SER A 460 16.03 -11.72 -16.58
CA SER A 460 16.07 -10.29 -16.41
C SER A 460 17.16 -9.97 -15.40
N GLY A 461 17.90 -8.91 -15.69
CA GLY A 461 18.93 -8.46 -14.76
C GLY A 461 18.94 -6.95 -14.67
N ALA A 462 19.25 -6.45 -13.49
CA ALA A 462 19.18 -5.02 -13.24
C ALA A 462 20.14 -4.64 -12.12
N ARG A 463 20.76 -3.46 -12.29
CA ARG A 463 21.43 -2.75 -11.20
C ARG A 463 20.88 -1.34 -11.26
N GLU A 464 20.27 -0.88 -10.17
CA GLU A 464 19.60 0.41 -10.10
C GLU A 464 20.04 1.20 -8.87
N HIS A 465 20.21 2.49 -9.08
CA HIS A 465 20.45 3.49 -8.04
C HIS A 465 19.35 4.54 -8.14
N LEU A 466 18.58 4.73 -7.07
CA LEU A 466 17.47 5.67 -7.12
C LEU A 466 17.84 6.80 -6.14
N GLN A 467 17.65 8.04 -6.57
CA GLN A 467 17.72 9.17 -5.66
C GLN A 467 16.42 9.96 -5.71
N ALA A 468 15.92 10.38 -4.56
CA ALA A 468 14.71 11.20 -4.55
C ALA A 468 14.62 12.10 -3.34
N TYR A 469 14.20 13.33 -3.62
CA TYR A 469 13.94 14.39 -2.66
C TYR A 469 12.45 14.75 -2.68
N ILE A 470 11.86 14.97 -1.51
CA ILE A 470 10.48 15.43 -1.40
C ILE A 470 10.35 16.33 -0.19
N VAL A 471 9.79 17.52 -0.40
CA VAL A 471 9.47 18.49 0.65
C VAL A 471 8.03 18.94 0.49
N ASP A 472 7.35 19.15 1.62
CA ASP A 472 6.02 19.75 1.60
C ASP A 472 5.91 20.92 2.58
N ASN A 473 5.45 22.07 2.07
CA ASN A 473 5.43 23.34 2.80
C ASN A 473 3.96 23.70 2.98
N MET A 474 3.49 23.72 4.22
CA MET A 474 2.07 23.94 4.50
C MET A 474 1.88 25.11 5.44
N LEU A 475 0.85 25.91 5.15
CA LEU A 475 0.47 27.07 5.96
C LEU A 475 -1.04 27.02 6.15
N GLN A 476 -1.50 27.04 7.41
CA GLN A 476 -2.93 26.83 7.69
C GLN A 476 -3.47 27.98 8.53
N ALA A 477 -4.61 28.55 8.14
CA ALA A 477 -5.32 29.56 8.92
C ALA A 477 -6.62 28.95 9.43
N GLU A 478 -6.80 28.99 10.74
CA GLU A 478 -8.01 28.62 11.47
C GLU A 478 -8.67 29.84 12.11
N PHE A 479 -9.92 30.15 11.70
CA PHE A 479 -10.56 31.44 12.06
C PHE A 479 -12.06 31.36 11.76
N ALA A 480 -12.82 32.24 12.42
CA ALA A 480 -14.26 32.33 12.22
C ALA A 480 -14.61 33.55 11.36
N THR A 481 -15.73 33.45 10.63
CA THR A 481 -16.33 34.56 9.89
C THR A 481 -17.83 34.44 10.13
N GLY A 482 -18.31 35.12 11.16
CA GLY A 482 -19.69 34.95 11.57
C GLY A 482 -19.96 33.52 11.99
N ALA A 483 -21.06 32.96 11.46
CA ALA A 483 -21.40 31.59 11.79
C ALA A 483 -20.46 30.56 11.15
N ALA A 484 -19.58 30.94 10.23
CA ALA A 484 -18.77 29.93 9.57
C ALA A 484 -17.42 29.92 10.24
N ARG A 485 -16.97 28.72 10.60
CA ARG A 485 -15.61 28.44 11.06
C ARG A 485 -14.85 27.94 9.83
N HIS A 486 -13.68 28.51 9.54
CA HIS A 486 -12.82 28.16 8.41
C HIS A 486 -11.52 27.49 8.85
N THR A 487 -11.14 26.42 8.15
CA THR A 487 -9.81 25.83 8.28
C THR A 487 -9.19 25.90 6.89
N LEU A 488 -8.34 26.91 6.67
CA LEU A 488 -7.85 27.26 5.35
C LEU A 488 -6.38 26.90 5.21
N LEU A 489 -6.06 26.00 4.28
CA LEU A 489 -4.72 25.47 4.08
C LEU A 489 -4.18 25.90 2.72
N THR A 490 -2.92 26.33 2.68
CA THR A 490 -2.21 26.60 1.43
C THR A 490 -0.90 25.84 1.48
N GLY A 491 -0.50 25.24 0.37
CA GLY A 491 0.70 24.44 0.41
C GLY A 491 1.49 24.48 -0.88
N LEU A 492 2.78 24.20 -0.75
CA LEU A 492 3.69 24.07 -1.88
C LEU A 492 4.57 22.86 -1.60
N ASP A 493 4.54 21.88 -2.50
CA ASP A 493 5.38 20.69 -2.42
C ASP A 493 6.21 20.50 -3.68
N TYR A 494 7.26 19.70 -3.55
CA TYR A 494 8.27 19.57 -4.60
C TYR A 494 8.86 18.18 -4.56
N GLN A 495 8.83 17.51 -5.70
CA GLN A 495 9.39 16.18 -5.84
C GLN A 495 10.43 16.26 -6.95
N ARG A 496 11.57 15.63 -6.71
CA ARG A 496 12.64 15.52 -7.68
C ARG A 496 13.20 14.11 -7.58
N ARG A 497 13.22 13.37 -8.68
CA ARG A 497 13.66 12.00 -8.61
C ARG A 497 14.57 11.74 -9.79
N ARG A 498 15.63 10.99 -9.54
CA ARG A 498 16.52 10.39 -10.52
C ARG A 498 16.79 8.93 -10.24
N THR A 499 16.60 8.11 -11.29
CA THR A 499 16.83 6.68 -11.26
C THR A 499 17.79 6.26 -12.37
N VAL A 500 18.92 5.69 -12.00
CA VAL A 500 19.91 5.25 -12.97
C VAL A 500 19.75 3.73 -13.04
N VAL A 501 19.41 3.21 -14.21
CA VAL A 501 19.11 1.79 -14.33
C VAL A 501 19.93 1.25 -15.47
N ASP A 502 20.64 0.15 -15.19
CA ASP A 502 21.32 -0.63 -16.20
C ASP A 502 20.60 -1.98 -16.25
N TRP A 503 19.88 -2.25 -17.35
CA TRP A 503 19.14 -3.50 -17.48
C TRP A 503 19.81 -4.47 -18.45
N ARG A 504 19.78 -5.74 -18.11
CA ARG A 504 20.27 -6.80 -18.97
C ARG A 504 19.13 -7.80 -19.15
N SER A 505 19.10 -8.50 -20.28
CA SER A 505 18.13 -9.57 -20.45
C SER A 505 18.66 -10.64 -21.39
N GLY A 506 18.00 -11.79 -21.37
CA GLY A 506 18.39 -12.85 -22.28
C GLY A 506 17.46 -14.03 -22.20
N SER A 507 17.81 -15.07 -22.94
CA SER A 507 17.08 -16.33 -22.96
C SER A 507 17.80 -17.34 -22.09
N ALA A 508 17.02 -18.12 -21.36
CA ALA A 508 17.55 -19.15 -20.48
C ALA A 508 17.03 -20.49 -20.96
N SER A 509 17.52 -21.55 -20.33
CA SER A 509 17.10 -22.88 -20.70
C SER A 509 15.66 -23.10 -20.27
N ALA A 510 15.03 -24.06 -20.94
CA ALA A 510 13.69 -24.44 -20.54
C ALA A 510 13.79 -25.18 -19.23
N LEU A 511 12.68 -25.23 -18.50
CA LEU A 511 12.69 -25.89 -17.20
C LEU A 511 11.45 -26.74 -17.10
N ASP A 512 11.66 -27.97 -16.60
CA ASP A 512 10.54 -28.88 -16.47
C ASP A 512 9.63 -28.40 -15.35
N ALA A 513 8.35 -28.22 -15.68
CA ALA A 513 7.45 -27.68 -14.68
C ALA A 513 7.07 -28.77 -13.69
N PHE A 514 7.39 -30.04 -13.91
CA PHE A 514 7.07 -31.03 -12.85
C PHE A 514 8.33 -31.88 -12.69
N ASN A 515 8.97 -32.01 -11.51
CA ASN A 515 10.31 -32.60 -11.30
C ASN A 515 11.33 -31.91 -12.03
N PRO A 516 11.59 -30.63 -11.74
CA PRO A 516 12.66 -29.90 -12.42
C PRO A 516 14.07 -30.25 -11.98
N VAL A 517 15.00 -30.03 -12.90
CA VAL A 517 16.44 -30.13 -12.66
C VAL A 517 17.07 -28.75 -12.81
N TYR A 518 17.59 -28.24 -11.71
CA TYR A 518 18.21 -26.91 -11.69
C TYR A 518 19.69 -27.03 -12.05
N GLY A 519 20.24 -25.95 -12.57
CA GLY A 519 21.69 -25.90 -12.67
C GLY A 519 22.17 -25.48 -14.04
N ASP A 520 21.27 -25.59 -15.02
CA ASP A 520 21.53 -25.22 -16.41
C ASP A 520 21.23 -23.74 -16.50
N ASP A 521 22.21 -22.93 -16.11
CA ASP A 521 22.04 -21.49 -15.93
C ASP A 521 22.69 -20.60 -16.99
N ALA A 522 23.12 -21.15 -18.12
CA ALA A 522 23.73 -20.31 -19.14
C ALA A 522 22.69 -19.37 -19.73
N ILE A 523 23.05 -18.10 -19.90
CA ILE A 523 22.13 -17.11 -20.46
C ILE A 523 22.58 -16.73 -21.86
N SER A 524 21.64 -16.64 -22.80
CA SER A 524 21.92 -16.01 -24.09
C SER A 524 21.50 -14.55 -24.00
N TYR A 525 22.45 -13.62 -23.93
CA TYR A 525 22.11 -12.24 -23.63
C TYR A 525 21.52 -11.52 -24.84
N PHE A 526 20.53 -10.66 -24.56
CA PHE A 526 19.98 -9.70 -25.52
C PHE A 526 20.71 -8.37 -25.36
N PRO A 527 20.41 -7.35 -26.17
CA PRO A 527 21.15 -6.10 -26.03
C PRO A 527 20.84 -5.44 -24.69
N ASP A 528 21.87 -4.91 -24.04
CA ASP A 528 21.69 -4.15 -22.80
C ASP A 528 20.77 -2.96 -23.06
N ASP A 529 20.11 -2.49 -22.00
CA ASP A 529 19.19 -1.36 -22.09
C ASP A 529 19.37 -0.48 -20.86
N ASN A 530 20.08 0.64 -21.03
CA ASN A 530 20.50 1.50 -19.93
C ASN A 530 19.76 2.83 -20.01
N HIS A 531 19.25 3.31 -18.88
CA HIS A 531 18.49 4.56 -18.84
C HIS A 531 18.92 5.39 -17.62
N THR A 532 18.72 6.71 -17.72
CA THR A 532 18.60 7.60 -16.58
C THR A 532 17.22 8.26 -16.63
N ARG A 533 16.44 8.05 -15.60
CA ARG A 533 15.06 8.52 -15.53
C ARG A 533 14.92 9.62 -14.50
N ARG A 534 14.28 10.72 -14.90
CA ARG A 534 14.09 11.88 -14.04
C ARG A 534 12.63 12.28 -14.04
N LEU A 535 12.16 12.74 -12.87
CA LEU A 535 10.83 13.28 -12.68
C LEU A 535 10.90 14.46 -11.73
N GLU A 536 10.17 15.53 -12.05
CA GLU A 536 10.00 16.66 -11.16
C GLU A 536 8.52 17.00 -11.10
N GLN A 537 8.04 17.26 -9.90
CA GLN A 537 6.66 17.67 -9.69
C GLN A 537 6.68 18.81 -8.71
N THR A 538 6.10 19.93 -9.11
CA THR A 538 5.89 21.09 -8.26
C THR A 538 4.39 21.24 -8.13
N GLY A 539 3.89 21.30 -6.91
CA GLY A 539 2.47 21.49 -6.67
C GLY A 539 2.17 22.68 -5.78
N VAL A 540 1.11 23.41 -6.14
CA VAL A 540 0.57 24.51 -5.35
C VAL A 540 -0.89 24.20 -5.12
N TYR A 541 -1.29 24.15 -3.85
CA TYR A 541 -2.62 23.68 -3.51
C TYR A 541 -3.26 24.59 -2.48
N LEU A 542 -4.59 24.59 -2.49
CA LEU A 542 -5.41 25.36 -1.55
C LEU A 542 -6.61 24.53 -1.13
N GLN A 543 -6.91 24.55 0.16
CA GLN A 543 -8.07 23.87 0.71
C GLN A 543 -8.75 24.74 1.75
N ASP A 544 -10.07 24.77 1.71
CA ASP A 544 -10.87 25.35 2.79
C ASP A 544 -11.86 24.33 3.33
N LEU A 545 -11.68 23.91 4.59
CA LEU A 545 -12.73 23.18 5.30
C LEU A 545 -13.61 24.19 6.02
N ILE A 546 -14.87 24.28 5.62
CA ILE A 546 -15.83 25.24 6.15
C ILE A 546 -16.91 24.52 6.94
N ASP A 547 -16.97 24.78 8.24
CA ASP A 547 -18.00 24.22 9.11
C ASP A 547 -18.95 25.35 9.50
N ILE A 548 -20.23 25.14 9.26
CA ILE A 548 -21.29 26.12 9.51
C ILE A 548 -22.52 25.32 9.95
N ASP A 549 -23.03 25.62 11.15
CA ASP A 549 -24.09 24.85 11.81
C ASP A 549 -23.76 23.36 11.80
N GLN A 550 -24.59 22.55 11.16
CA GLN A 550 -24.30 21.13 11.12
C GLN A 550 -23.62 20.74 9.82
N TRP A 551 -23.35 21.72 8.95
CA TRP A 551 -22.65 21.50 7.70
C TRP A 551 -21.15 21.44 7.84
N ARG A 552 -20.56 20.55 7.07
CA ARG A 552 -19.12 20.39 6.94
C ARG A 552 -18.78 20.39 5.45
N PHE A 553 -18.06 21.41 4.97
CA PHE A 553 -17.77 21.55 3.56
C PHE A 553 -16.27 21.44 3.31
N SER A 554 -15.92 20.96 2.12
CA SER A 554 -14.53 20.82 1.73
C SER A 554 -14.32 21.34 0.31
N LEU A 555 -13.36 22.24 0.14
CA LEU A 555 -13.05 22.84 -1.15
C LEU A 555 -11.55 22.79 -1.36
N GLY A 556 -11.12 22.31 -2.51
CA GLY A 556 -9.70 22.17 -2.75
C GLY A 556 -9.39 22.39 -4.21
N LEU A 557 -8.22 22.98 -4.44
CA LEU A 557 -7.72 23.25 -5.78
C LEU A 557 -6.22 23.07 -5.77
N ARG A 558 -5.65 22.54 -6.85
CA ARG A 558 -4.22 22.37 -6.93
C ARG A 558 -3.88 22.56 -8.39
N GLN A 559 -2.77 23.25 -8.62
CA GLN A 559 -2.11 23.42 -9.89
C GLN A 559 -0.78 22.68 -9.75
N ASP A 560 -0.45 21.83 -10.73
CA ASP A 560 0.78 21.03 -10.79
C ASP A 560 1.63 21.24 -12.04
N TRP A 561 2.94 21.30 -11.86
CA TRP A 561 3.87 21.32 -12.99
C TRP A 561 4.69 20.03 -12.92
N VAL A 562 4.65 19.20 -13.95
CA VAL A 562 5.37 17.93 -13.96
C VAL A 562 6.33 17.92 -15.12
N SER A 563 7.56 17.46 -14.89
CA SER A 563 8.53 17.23 -15.97
C SER A 563 9.10 15.82 -15.82
N VAL A 564 9.16 15.09 -16.91
CA VAL A 564 9.59 13.69 -16.85
C VAL A 564 10.60 13.54 -17.96
N THR A 565 11.73 12.91 -17.68
CA THR A 565 12.70 12.70 -18.76
C THR A 565 13.27 11.31 -18.68
N ASP A 566 13.63 10.76 -19.85
CA ASP A 566 14.22 9.43 -19.92
C ASP A 566 15.31 9.45 -21.00
N LYS A 567 16.56 9.43 -20.55
CA LYS A 567 17.72 9.39 -21.44
C LYS A 567 18.04 7.92 -21.68
N ASN A 568 17.91 7.47 -22.94
CA ASN A 568 18.32 6.12 -23.26
C ASN A 568 19.80 6.29 -23.40
N ARG A 569 20.48 5.77 -22.42
CA ARG A 569 21.87 6.01 -22.29
C ARG A 569 22.67 5.07 -23.18
N SER A 570 22.07 3.96 -23.62
CA SER A 570 22.64 3.05 -24.62
C SER A 570 22.61 3.70 -26.01
N THR A 571 21.47 4.33 -26.35
CA THR A 571 21.25 4.95 -27.66
C THR A 571 21.59 6.43 -27.69
N GLY A 572 21.73 7.07 -26.52
CA GLY A 572 21.96 8.51 -26.39
C GLY A 572 20.77 9.42 -26.52
N SER A 573 19.59 8.90 -26.84
CA SER A 573 18.42 9.73 -27.03
C SER A 573 17.72 9.98 -25.71
N LYS A 574 16.90 11.03 -25.69
CA LYS A 574 16.35 11.64 -24.48
C LYS A 574 14.91 11.91 -24.82
N ALA A 575 14.02 11.53 -23.93
CA ALA A 575 12.62 11.95 -24.10
C ALA A 575 12.41 12.98 -23.00
N ASP A 576 12.04 14.20 -23.35
CA ASP A 576 11.89 15.29 -22.36
C ASP A 576 10.49 15.86 -22.51
N ASP A 577 9.68 15.73 -21.47
CA ASP A 577 8.27 16.21 -21.55
C ASP A 577 7.83 17.04 -20.35
N ASP A 578 7.24 18.19 -20.60
CA ASP A 578 6.70 19.07 -19.54
C ASP A 578 5.19 19.25 -19.56
N TRP A 579 4.54 19.13 -18.40
CA TRP A 579 3.07 19.28 -18.32
C TRP A 579 2.64 20.06 -17.09
N GLU A 580 1.45 20.64 -17.11
CA GLU A 580 0.84 21.34 -16.02
C GLU A 580 -0.53 20.69 -15.94
N LYS A 581 -1.03 20.51 -14.73
CA LYS A 581 -2.39 20.04 -14.59
C LYS A 581 -3.08 20.76 -13.47
N PHE A 582 -4.37 20.97 -13.67
CA PHE A 582 -5.22 21.54 -12.65
C PHE A 582 -6.16 20.46 -12.15
N THR A 583 -6.26 20.30 -10.82
CA THR A 583 -7.19 19.38 -10.21
C THR A 583 -8.02 20.07 -9.14
N GLY A 584 -9.23 19.54 -8.90
CA GLY A 584 -10.14 20.14 -7.93
C GLY A 584 -10.93 19.09 -7.17
N ARG A 585 -11.42 19.48 -5.99
CA ARG A 585 -12.23 18.61 -5.16
C ARG A 585 -13.26 19.45 -4.41
N ILE A 586 -14.47 18.93 -4.24
CA ILE A 586 -15.53 19.61 -3.51
C ILE A 586 -16.36 18.59 -2.72
N GLY A 587 -16.49 18.80 -1.41
CA GLY A 587 -17.24 17.90 -0.56
C GLY A 587 -18.27 18.62 0.29
N ALA A 588 -19.39 17.93 0.54
CA ALA A 588 -20.42 18.44 1.45
C ALA A 588 -21.05 17.33 2.28
N LEU A 589 -21.10 17.53 3.60
CA LEU A 589 -21.57 16.57 4.58
C LEU A 589 -22.42 17.25 5.64
N TYR A 590 -23.52 16.61 6.04
CA TYR A 590 -24.41 17.18 7.05
C TYR A 590 -24.36 16.26 8.28
N LEU A 591 -23.97 16.80 9.43
CA LEU A 591 -23.80 16.00 10.66
C LEU A 591 -25.01 16.17 11.58
N PHE A 592 -25.85 15.14 11.62
CA PHE A 592 -26.99 15.03 12.53
C PHE A 592 -26.52 14.75 13.95
N ASP A 593 -27.34 15.13 14.95
CA ASP A 593 -26.85 15.11 16.32
C ASP A 593 -26.81 13.71 16.91
N ASN A 594 -27.33 12.70 16.22
CA ASN A 594 -27.17 11.30 16.62
C ASN A 594 -25.91 10.63 16.06
N GLY A 595 -25.07 11.34 15.32
CA GLY A 595 -23.88 10.71 14.79
C GLY A 595 -24.08 10.14 13.41
N LEU A 596 -25.16 10.51 12.72
CA LEU A 596 -25.39 10.14 11.33
C LEU A 596 -24.92 11.25 10.42
N ALA A 597 -24.17 10.89 9.38
CA ALA A 597 -23.58 11.88 8.48
C ALA A 597 -23.67 11.43 7.02
N PRO A 598 -24.68 11.90 6.29
CA PRO A 598 -24.72 11.69 4.85
C PRO A 598 -23.78 12.69 4.21
N TYR A 599 -23.16 12.30 3.09
CA TYR A 599 -22.30 13.23 2.38
C TYR A 599 -22.23 12.91 0.90
N VAL A 600 -21.68 13.88 0.15
CA VAL A 600 -21.44 13.77 -1.29
C VAL A 600 -20.07 14.39 -1.56
N SER A 601 -19.34 13.81 -2.53
CA SER A 601 -18.01 14.29 -2.88
C SER A 601 -17.76 14.22 -4.39
N TYR A 602 -17.09 15.24 -4.93
CA TYR A 602 -16.52 15.18 -6.28
C TYR A 602 -15.00 15.37 -6.20
N SER A 603 -14.24 14.50 -6.86
CA SER A 603 -12.78 14.53 -6.69
C SER A 603 -12.06 14.08 -7.96
N GLU A 604 -10.87 14.64 -8.18
CA GLU A 604 -10.11 14.44 -9.41
C GLU A 604 -8.67 14.02 -9.12
N SER A 605 -8.05 13.36 -10.09
CA SER A 605 -6.68 12.89 -9.99
C SER A 605 -6.04 12.90 -11.36
N PHE A 606 -4.70 12.88 -11.38
CA PHE A 606 -3.91 12.67 -12.58
C PHE A 606 -2.66 11.83 -12.29
N ASN A 607 -2.12 11.20 -13.34
CA ASN A 607 -0.86 10.46 -13.28
C ASN A 607 -0.18 10.47 -14.64
N PRO A 608 1.12 10.79 -14.70
CA PRO A 608 1.87 10.69 -15.97
C PRO A 608 1.65 9.38 -16.70
N ASN A 609 1.40 9.47 -18.01
CA ASN A 609 1.16 8.26 -18.79
C ASN A 609 2.44 7.46 -18.97
N ALA A 610 2.38 6.16 -18.65
CA ALA A 610 3.49 5.25 -18.82
C ALA A 610 3.84 4.97 -20.29
N TYR A 611 3.01 5.39 -21.23
CA TYR A 611 3.16 5.02 -22.64
C TYR A 611 3.46 6.21 -23.53
N SER A 612 3.95 5.92 -24.73
CA SER A 612 4.32 6.93 -25.71
C SER A 612 3.64 6.60 -27.04
N ASP A 613 3.51 7.62 -27.89
CA ASP A 613 2.65 7.58 -29.06
C ASP A 613 3.45 7.21 -30.32
N ALA A 614 2.83 7.44 -31.48
CA ALA A 614 3.44 7.25 -32.79
C ALA A 614 4.71 8.07 -33.05
N SER A 615 5.04 9.04 -32.18
CA SER A 615 6.27 9.81 -32.33
C SER A 615 7.24 9.65 -31.17
N GLY A 616 7.05 8.64 -30.32
CA GLY A 616 7.86 8.50 -29.11
C GLY A 616 7.58 9.48 -27.98
N THR A 617 6.67 10.38 -28.14
CA THR A 617 6.41 11.38 -27.10
C THR A 617 5.32 10.88 -26.16
N PRO A 618 5.56 10.85 -24.84
CA PRO A 618 4.64 10.14 -23.95
C PRO A 618 3.26 10.75 -24.08
N LEU A 619 2.23 9.92 -23.94
CA LEU A 619 0.88 10.43 -24.03
C LEU A 619 0.55 11.38 -22.88
N ALA A 620 -0.62 12.00 -23.01
CA ALA A 620 -1.12 12.89 -21.97
C ALA A 620 -1.28 12.10 -20.69
N PRO A 621 -1.03 12.72 -19.53
CA PRO A 621 -1.33 12.04 -18.27
C PRO A 621 -2.77 11.53 -18.24
N THR A 622 -2.95 10.36 -17.61
CA THR A 622 -4.29 9.84 -17.40
C THR A 622 -4.99 10.69 -16.34
N GLU A 623 -6.32 10.61 -16.33
CA GLU A 623 -7.11 11.46 -15.45
C GLU A 623 -8.19 10.63 -14.81
N GLY A 624 -8.41 10.83 -13.53
CA GLY A 624 -9.53 10.25 -12.83
C GLY A 624 -10.47 11.33 -12.35
N LYS A 625 -11.76 11.04 -12.39
CA LYS A 625 -12.83 11.91 -11.93
C LYS A 625 -13.82 11.01 -11.20
N GLN A 626 -14.29 11.44 -10.03
CA GLN A 626 -15.13 10.61 -9.19
C GLN A 626 -16.30 11.38 -8.60
N TRP A 627 -17.47 10.76 -8.66
CA TRP A 627 -18.62 11.13 -7.84
C TRP A 627 -18.73 10.11 -6.72
N GLU A 628 -18.91 10.58 -5.49
CA GLU A 628 -19.08 9.69 -4.35
C GLU A 628 -20.24 10.15 -3.49
N LEU A 629 -21.00 9.15 -3.03
CA LEU A 629 -22.10 9.30 -2.08
C LEU A 629 -21.85 8.34 -0.95
N GLY A 630 -22.05 8.80 0.30
CA GLY A 630 -21.77 7.95 1.42
C GLY A 630 -22.70 8.24 2.58
N LEU A 631 -22.54 7.42 3.62
CA LEU A 631 -23.30 7.57 4.84
C LEU A 631 -22.43 7.05 5.96
N LYS A 632 -22.27 7.85 7.01
CA LYS A 632 -21.46 7.38 8.12
C LYS A 632 -22.32 7.42 9.37
N PHE A 633 -21.98 6.55 10.33
CA PHE A 633 -22.72 6.43 11.58
C PHE A 633 -21.83 6.05 12.75
N GLN A 634 -21.88 6.87 13.80
CA GLN A 634 -21.33 6.50 15.10
C GLN A 634 -22.31 6.88 16.19
N ALA A 635 -22.76 5.92 16.99
CA ALA A 635 -23.60 6.32 18.11
C ALA A 635 -22.65 6.99 19.11
N PRO A 636 -22.96 8.21 19.56
CA PRO A 636 -22.04 8.90 20.50
C PRO A 636 -21.59 8.11 21.72
N GLY A 637 -22.43 7.23 22.26
CA GLY A 637 -22.01 6.24 23.23
C GLY A 637 -20.87 5.39 22.73
N SER A 638 -21.15 4.75 21.60
CA SER A 638 -20.61 3.47 21.26
C SER A 638 -19.15 3.59 20.86
N ASN A 639 -18.48 2.44 20.86
CA ASN A 639 -17.21 2.39 20.17
C ASN A 639 -17.48 1.66 18.87
N SER A 640 -18.49 2.09 18.12
CA SER A 640 -18.82 1.40 16.90
C SER A 640 -18.88 2.43 15.80
N PHE A 641 -18.64 1.98 14.56
CA PHE A 641 -18.63 2.90 13.45
C PHE A 641 -18.99 2.13 12.19
N TYR A 642 -19.82 2.75 11.35
CA TYR A 642 -20.38 2.11 10.18
C TYR A 642 -20.35 3.09 9.02
N THR A 643 -19.99 2.59 7.85
CA THR A 643 -20.02 3.44 6.69
C THR A 643 -20.53 2.64 5.50
N ALA A 644 -21.06 3.37 4.55
CA ALA A 644 -21.38 2.86 3.24
C ALA A 644 -20.88 3.90 2.26
N SER A 645 -20.31 3.45 1.15
CA SER A 645 -19.86 4.40 0.16
C SER A 645 -20.31 3.87 -1.18
N LEU A 646 -20.86 4.77 -1.99
CA LEU A 646 -21.19 4.49 -3.37
C LEU A 646 -20.28 5.34 -4.26
N PHE A 647 -19.71 4.73 -5.30
CA PHE A 647 -18.71 5.44 -6.09
C PHE A 647 -18.88 5.19 -7.58
N HIS A 648 -18.49 6.20 -8.37
CA HIS A 648 -18.43 6.17 -9.82
C HIS A 648 -17.13 6.87 -10.21
N ILE A 649 -16.14 6.11 -10.67
CA ILE A 649 -14.87 6.65 -11.15
C ILE A 649 -14.75 6.48 -12.66
N THR A 650 -14.39 7.57 -13.34
CA THR A 650 -14.05 7.56 -14.78
C THR A 650 -12.56 7.88 -14.91
N GLN A 651 -11.81 7.08 -15.65
CA GLN A 651 -10.42 7.34 -15.96
C GLN A 651 -10.23 7.61 -17.44
N GLU A 652 -9.64 8.75 -17.74
CA GLU A 652 -9.39 9.24 -19.10
C GLU A 652 -7.96 9.25 -19.55
N ASN A 653 -7.81 9.39 -20.88
CA ASN A 653 -6.52 9.35 -21.59
C ASN A 653 -5.74 8.05 -21.40
N VAL A 654 -6.45 6.94 -21.20
CA VAL A 654 -5.73 5.69 -21.05
C VAL A 654 -5.21 5.28 -22.42
N ALA A 655 -3.97 4.82 -22.45
CA ALA A 655 -3.34 4.40 -23.68
C ALA A 655 -4.06 3.23 -24.33
N SER A 656 -4.30 3.34 -25.64
CA SER A 656 -4.97 2.21 -26.29
C SER A 656 -4.50 2.20 -27.74
N LYS A 657 -4.37 1.01 -28.32
CA LYS A 657 -4.06 0.85 -29.75
C LYS A 657 -4.66 -0.43 -30.28
N GLU A 658 -5.03 -0.45 -31.57
CA GLU A 658 -5.32 -1.70 -32.25
C GLU A 658 -4.19 -2.72 -32.24
N PRO A 659 -4.51 -4.04 -32.00
CA PRO A 659 -3.52 -5.15 -32.01
C PRO A 659 -2.54 -5.05 -33.17
N GLN A 660 -3.03 -4.80 -34.40
CA GLN A 660 -2.10 -4.48 -35.48
C GLN A 660 -0.93 -3.59 -35.02
N ASP A 661 -1.25 -2.45 -34.42
CA ASP A 661 -0.35 -1.32 -34.38
C ASP A 661 0.71 -1.48 -33.30
N ASN A 662 1.77 -0.67 -33.43
CA ASN A 662 2.86 -0.56 -32.47
C ASN A 662 2.77 0.71 -31.64
N PHE A 663 2.07 1.73 -32.15
CA PHE A 663 1.92 3.05 -31.54
C PHE A 663 0.61 3.17 -30.75
N TYR A 664 0.68 3.85 -29.59
CA TYR A 664 -0.47 4.15 -28.74
C TYR A 664 -1.11 5.51 -28.97
N THR A 665 -2.45 5.56 -28.79
CA THR A 665 -3.15 6.82 -28.64
C THR A 665 -3.83 6.87 -27.27
N SER A 666 -4.22 8.07 -26.85
CA SER A 666 -4.75 8.31 -25.49
C SER A 666 -6.26 8.40 -25.55
N VAL A 667 -6.87 7.37 -26.15
CA VAL A 667 -8.29 7.33 -26.38
C VAL A 667 -9.00 6.29 -25.51
N GLY A 668 -8.26 5.50 -24.74
CA GLY A 668 -8.89 4.57 -23.82
C GLY A 668 -9.62 5.25 -22.67
N GLU A 669 -10.59 4.53 -22.13
CA GLU A 669 -11.27 4.98 -20.93
C GLU A 669 -11.65 3.77 -20.10
N VAL A 670 -11.66 3.93 -18.78
CA VAL A 670 -12.01 2.88 -17.83
C VAL A 670 -13.00 3.47 -16.83
N ARG A 671 -14.02 2.71 -16.46
CA ARG A 671 -15.00 3.14 -15.48
C ARG A 671 -15.11 2.11 -14.38
N SER A 672 -15.08 2.58 -13.12
CA SER A 672 -15.22 1.73 -11.95
C SER A 672 -16.30 2.31 -11.07
N GLN A 673 -17.28 1.48 -10.73
CA GLN A 673 -18.39 1.92 -9.92
C GLN A 673 -18.77 0.80 -8.95
N GLY A 674 -19.27 1.17 -7.78
CA GLY A 674 -19.67 0.13 -6.86
C GLY A 674 -20.02 0.66 -5.48
N LEU A 675 -19.88 -0.22 -4.49
CA LEU A 675 -20.43 0.02 -3.16
C LEU A 675 -19.49 -0.61 -2.15
N GLU A 676 -19.17 0.12 -1.09
CA GLU A 676 -18.41 -0.46 0.02
C GLU A 676 -19.14 -0.25 1.34
N LEU A 677 -19.06 -1.25 2.21
CA LEU A 677 -19.72 -1.26 3.52
C LEU A 677 -18.66 -1.71 4.52
N GLU A 678 -18.56 -0.99 5.66
CA GLU A 678 -17.45 -1.28 6.57
C GLU A 678 -18.05 -1.20 7.99
N ALA A 679 -17.68 -2.13 8.86
CA ALA A 679 -18.26 -2.10 10.19
C ALA A 679 -17.15 -2.37 11.19
N HIS A 680 -17.05 -1.49 12.19
CA HIS A 680 -16.15 -1.68 13.33
C HIS A 680 -17.03 -1.66 14.57
N THR A 681 -17.03 -2.76 15.31
CA THR A 681 -17.88 -2.85 16.49
C THR A 681 -17.13 -3.26 17.75
N GLN A 682 -17.55 -2.71 18.88
CA GLN A 682 -17.27 -3.27 20.20
C GLN A 682 -18.59 -3.46 20.91
N LEU A 683 -18.98 -4.73 21.03
CA LEU A 683 -20.19 -5.17 21.69
C LEU A 683 -20.00 -5.42 23.18
N SER A 684 -18.74 -5.49 23.64
CA SER A 684 -18.37 -5.40 25.03
C SER A 684 -16.90 -4.99 25.04
N ASP A 685 -16.34 -4.84 26.25
CA ASP A 685 -14.94 -4.48 26.40
C ASP A 685 -14.01 -5.69 26.26
N ASN A 686 -14.54 -6.77 25.75
CA ASN A 686 -13.82 -7.98 25.44
C ASN A 686 -13.86 -8.44 24.02
N LEU A 687 -14.91 -8.10 23.35
CA LEU A 687 -15.21 -8.55 22.01
C LEU A 687 -15.12 -7.46 20.95
N LYS A 688 -14.13 -7.61 20.07
CA LYS A 688 -13.83 -6.63 19.01
C LYS A 688 -14.18 -7.22 17.63
N LEU A 689 -14.96 -6.47 16.84
CA LEU A 689 -15.36 -6.86 15.50
C LEU A 689 -14.99 -5.90 14.37
N LEU A 690 -14.72 -6.50 13.21
CA LEU A 690 -14.51 -5.84 11.91
C LEU A 690 -15.26 -6.58 10.82
N GLY A 691 -15.90 -5.83 9.91
CA GLY A 691 -16.51 -6.46 8.76
C GLY A 691 -16.52 -5.55 7.56
N SER A 692 -16.67 -6.16 6.39
CA SER A 692 -16.53 -5.40 5.16
C SER A 692 -17.27 -6.10 4.04
N TYR A 693 -17.77 -5.32 3.08
CA TYR A 693 -18.38 -5.85 1.88
C TYR A 693 -17.98 -4.90 0.77
N THR A 694 -17.56 -5.45 -0.35
CA THR A 694 -17.21 -4.63 -1.50
C THR A 694 -17.86 -5.13 -2.77
N TYR A 695 -18.49 -4.23 -3.50
CA TYR A 695 -19.04 -4.53 -4.82
C TYR A 695 -18.36 -3.58 -5.81
N THR A 696 -17.66 -4.15 -6.79
CA THR A 696 -16.92 -3.35 -7.76
C THR A 696 -17.20 -3.82 -9.18
N ASP A 697 -17.68 -2.90 -10.02
CA ASP A 697 -17.97 -3.18 -11.42
C ASP A 697 -17.00 -2.28 -12.19
N ILE A 698 -15.88 -2.82 -12.67
CA ILE A 698 -14.95 -2.05 -13.48
C ILE A 698 -14.96 -2.58 -14.89
N THR A 699 -14.91 -1.66 -15.85
CA THR A 699 -15.05 -2.01 -17.25
C THR A 699 -14.17 -1.10 -18.08
N TYR A 700 -13.55 -1.67 -19.12
CA TYR A 700 -12.93 -0.87 -20.18
C TYR A 700 -14.07 -0.31 -21.00
N THR A 701 -14.36 0.96 -20.85
CA THR A 701 -15.48 1.50 -21.59
C THR A 701 -15.10 1.95 -23.00
N LYS A 702 -13.83 2.26 -23.24
CA LYS A 702 -13.28 2.59 -24.57
C LYS A 702 -11.92 1.95 -24.75
N SER A 703 -11.77 1.12 -25.79
CA SER A 703 -10.49 0.53 -26.11
C SER A 703 -10.41 0.29 -27.60
N LEU A 704 -9.21 0.47 -28.14
CA LEU A 704 -9.04 0.25 -29.58
C LEU A 704 -8.62 -1.17 -29.90
N ASP A 705 -8.30 -1.94 -28.88
CA ASP A 705 -7.57 -3.18 -29.03
C ASP A 705 -8.48 -4.41 -29.11
N GLY A 706 -9.78 -4.23 -29.32
CA GLY A 706 -10.74 -5.30 -29.23
C GLY A 706 -11.47 -5.45 -27.92
N ASN A 707 -10.98 -4.79 -26.87
CA ASN A 707 -11.41 -4.91 -25.49
C ASN A 707 -12.33 -3.79 -24.99
N GLN A 708 -12.94 -2.99 -25.88
CA GLN A 708 -13.83 -1.91 -25.44
C GLN A 708 -14.84 -2.32 -24.34
N GLY A 709 -15.25 -3.56 -24.28
CA GLY A 709 -16.42 -3.91 -23.50
C GLY A 709 -16.21 -4.84 -22.31
N HIS A 710 -14.98 -5.30 -22.14
CA HIS A 710 -14.53 -6.20 -21.09
C HIS A 710 -14.27 -5.57 -19.72
N THR A 711 -14.08 -6.54 -18.63
CA THR A 711 -13.76 -6.29 -17.22
C THR A 711 -12.29 -6.55 -17.03
N PRO A 712 -11.52 -5.61 -16.50
CA PRO A 712 -10.13 -5.90 -16.10
C PRO A 712 -9.93 -7.17 -15.30
N ASN A 713 -8.80 -7.83 -15.53
CA ASN A 713 -8.40 -8.95 -14.70
C ASN A 713 -7.91 -8.40 -13.36
N GLN A 714 -7.79 -9.30 -12.39
CA GLN A 714 -7.33 -8.94 -11.04
C GLN A 714 -8.32 -7.98 -10.38
N ALA A 715 -9.59 -8.04 -10.78
CA ALA A 715 -10.63 -7.15 -10.25
C ALA A 715 -11.86 -7.92 -9.82
N PRO A 716 -11.89 -8.49 -8.61
CA PRO A 716 -13.09 -9.21 -8.18
C PRO A 716 -14.30 -8.28 -8.18
N LYS A 717 -15.44 -8.81 -8.60
CA LYS A 717 -16.70 -8.08 -8.50
C LYS A 717 -17.20 -7.99 -7.06
N HIS A 718 -16.94 -9.01 -6.25
CA HIS A 718 -17.47 -9.10 -4.90
C HIS A 718 -16.35 -9.49 -3.94
N MET A 719 -16.23 -8.77 -2.83
CA MET A 719 -15.35 -9.16 -1.75
C MET A 719 -16.05 -8.88 -0.42
N ALA A 720 -15.64 -9.63 0.61
CA ALA A 720 -16.18 -9.42 1.95
C ALA A 720 -15.17 -10.01 2.92
N SER A 721 -15.24 -9.56 4.17
CA SER A 721 -14.37 -10.08 5.20
C SER A 721 -14.97 -9.80 6.56
N LEU A 722 -14.49 -10.55 7.55
CA LEU A 722 -15.01 -10.42 8.90
C LEU A 722 -13.94 -10.95 9.86
N TRP A 723 -13.55 -10.14 10.85
CA TRP A 723 -12.60 -10.56 11.87
C TRP A 723 -13.15 -10.22 13.25
N ALA A 724 -12.97 -11.14 14.20
CA ALA A 724 -13.38 -10.97 15.59
C ALA A 724 -12.27 -11.37 16.56
N ASP A 725 -12.17 -10.66 17.69
CA ASP A 725 -11.24 -11.05 18.73
C ASP A 725 -11.88 -10.96 20.12
N TYR A 726 -11.81 -12.05 20.90
CA TYR A 726 -12.40 -12.16 22.24
C TYR A 726 -11.26 -12.27 23.23
N ALA A 727 -11.25 -11.36 24.20
CA ALA A 727 -10.32 -11.38 25.32
C ALA A 727 -11.10 -11.73 26.57
N PHE A 728 -10.68 -12.76 27.29
CA PHE A 728 -11.23 -13.01 28.62
C PHE A 728 -10.53 -12.07 29.60
N ASP A 729 -11.32 -11.34 30.41
CA ASP A 729 -10.76 -10.30 31.26
C ASP A 729 -10.83 -10.56 32.76
N ALA A 730 -11.77 -11.39 33.23
CA ALA A 730 -11.84 -11.80 34.62
C ALA A 730 -12.13 -13.29 34.68
N GLY A 731 -11.90 -13.89 35.85
CA GLY A 731 -12.15 -15.30 35.98
C GLY A 731 -10.92 -16.13 35.71
N PRO A 732 -11.11 -17.44 35.49
CA PRO A 732 -9.95 -18.33 35.40
C PRO A 732 -9.13 -18.03 34.16
N LEU A 733 -9.79 -17.69 33.07
CA LEU A 733 -9.20 -17.51 31.75
C LEU A 733 -8.56 -16.14 31.59
N SER A 734 -8.62 -15.26 32.59
CA SER A 734 -8.12 -13.89 32.40
C SER A 734 -6.68 -13.86 31.88
N GLY A 735 -6.40 -12.89 31.03
CA GLY A 735 -5.14 -12.84 30.33
C GLY A 735 -5.12 -13.55 29.00
N LEU A 736 -6.13 -14.38 28.72
CA LEU A 736 -6.22 -15.17 27.52
C LEU A 736 -6.97 -14.38 26.47
N SER A 737 -6.57 -14.51 25.21
CA SER A 737 -7.35 -13.89 24.15
C SER A 737 -7.48 -14.89 23.01
N ILE A 738 -8.61 -14.80 22.30
CA ILE A 738 -8.89 -15.71 21.21
C ILE A 738 -9.37 -14.88 20.02
N GLY A 739 -8.89 -15.17 18.81
CA GLY A 739 -9.41 -14.42 17.69
C GLY A 739 -9.36 -15.16 16.37
N GLY A 740 -10.09 -14.60 15.40
CA GLY A 740 -9.89 -14.98 14.01
C GLY A 740 -10.95 -14.37 13.11
N GLY A 741 -10.88 -14.75 11.85
CA GLY A 741 -11.78 -14.15 10.88
C GLY A 741 -11.73 -14.89 9.57
N ALA A 742 -12.63 -14.51 8.67
CA ALA A 742 -12.67 -15.02 7.31
C ALA A 742 -12.88 -13.87 6.34
N ARG A 743 -12.18 -13.97 5.24
CA ARG A 743 -12.22 -13.09 4.08
C ARG A 743 -12.59 -13.87 2.81
N TYR A 744 -13.47 -13.29 1.98
CA TYR A 744 -13.96 -13.85 0.72
C TYR A 744 -13.60 -12.91 -0.43
N VAL A 745 -13.03 -13.49 -1.49
CA VAL A 745 -12.80 -12.82 -2.77
C VAL A 745 -13.54 -13.57 -3.86
N GLY A 746 -14.37 -12.85 -4.63
CA GLY A 746 -15.12 -13.47 -5.69
C GLY A 746 -14.21 -13.83 -6.84
N GLU A 747 -14.78 -14.43 -7.88
CA GLU A 747 -14.00 -14.77 -9.06
C GLU A 747 -13.37 -13.52 -9.67
N THR A 748 -12.22 -13.72 -10.32
CA THR A 748 -11.54 -12.69 -11.08
C THR A 748 -11.21 -13.29 -12.44
N TRP A 749 -11.17 -12.44 -13.46
CA TRP A 749 -10.61 -12.80 -14.75
C TRP A 749 -9.11 -12.99 -14.70
N ALA A 750 -8.62 -14.08 -15.30
CA ALA A 750 -7.19 -14.23 -15.48
C ALA A 750 -6.58 -13.31 -16.56
N ASP A 751 -7.36 -12.80 -17.53
CA ASP A 751 -6.78 -12.02 -18.63
C ASP A 751 -7.72 -10.90 -19.09
N LYS A 752 -7.13 -9.92 -19.81
CA LYS A 752 -7.91 -8.79 -20.34
C LYS A 752 -8.86 -9.28 -21.43
N GLU A 753 -8.53 -10.39 -22.08
CA GLU A 753 -9.36 -10.99 -23.11
C GLU A 753 -10.57 -11.72 -22.53
N ASN A 754 -10.58 -11.96 -21.21
CA ASN A 754 -11.73 -12.57 -20.53
C ASN A 754 -12.02 -13.97 -21.06
N THR A 755 -11.02 -14.89 -20.98
CA THR A 755 -11.30 -16.22 -21.48
C THR A 755 -11.37 -17.35 -20.44
N LEU A 756 -10.91 -17.16 -19.20
CA LEU A 756 -11.59 -17.90 -18.13
C LEU A 756 -11.40 -17.14 -16.82
N ARG A 757 -12.06 -17.69 -15.81
CA ARG A 757 -12.07 -17.15 -14.47
C ARG A 757 -11.00 -17.82 -13.58
N VAL A 758 -10.44 -17.00 -12.70
CA VAL A 758 -9.72 -17.50 -11.53
C VAL A 758 -10.79 -17.73 -10.48
N PRO A 759 -10.95 -18.95 -9.98
CA PRO A 759 -12.02 -19.20 -9.01
C PRO A 759 -11.93 -18.27 -7.81
N ASP A 760 -13.08 -18.11 -7.17
CA ASP A 760 -13.19 -17.47 -5.89
C ASP A 760 -12.53 -18.33 -4.81
N TYR A 761 -12.25 -17.70 -3.66
CA TYR A 761 -11.67 -18.40 -2.53
C TYR A 761 -12.02 -17.75 -1.22
N THR A 762 -12.20 -18.60 -0.20
CA THR A 762 -12.43 -18.17 1.17
C THR A 762 -11.30 -18.68 2.07
N LEU A 763 -10.69 -17.76 2.82
CA LEU A 763 -9.60 -18.10 3.73
C LEU A 763 -10.03 -17.82 5.15
N VAL A 764 -9.44 -18.56 6.08
CA VAL A 764 -9.74 -18.44 7.49
C VAL A 764 -8.45 -18.08 8.21
N ASP A 765 -8.56 -17.18 9.17
CA ASP A 765 -7.44 -16.79 10.02
C ASP A 765 -7.84 -17.08 11.45
N ALA A 766 -6.86 -17.30 12.31
CA ALA A 766 -7.13 -17.54 13.72
C ALA A 766 -5.98 -17.06 14.56
N ARG A 767 -6.28 -16.77 15.83
CA ARG A 767 -5.26 -16.29 16.76
C ARG A 767 -5.52 -16.78 18.19
N ILE A 768 -4.43 -16.88 18.96
CA ILE A 768 -4.40 -17.09 20.41
C ILE A 768 -3.36 -16.18 21.06
N GLY A 769 -3.77 -15.42 22.06
CA GLY A 769 -2.85 -14.63 22.86
C GLY A 769 -3.01 -14.92 24.33
N TYR A 770 -1.90 -14.83 25.08
CA TYR A 770 -2.00 -14.97 26.53
C TYR A 770 -1.10 -13.87 27.10
N ASP A 771 -1.61 -13.02 27.99
CA ASP A 771 -0.74 -12.10 28.75
C ASP A 771 -0.20 -12.78 30.00
N LEU A 772 1.08 -13.17 30.00
CA LEU A 772 1.57 -13.88 31.18
C LEU A 772 1.76 -12.99 32.40
N GLY A 773 1.77 -11.67 32.21
CA GLY A 773 1.71 -10.76 33.35
C GLY A 773 0.63 -11.11 34.36
N LYS A 774 -0.50 -11.62 33.88
CA LYS A 774 -1.55 -12.17 34.72
C LYS A 774 -1.12 -13.37 35.57
N LEU A 775 -0.09 -14.09 35.16
CA LEU A 775 0.54 -15.11 35.97
C LEU A 775 1.72 -14.56 36.78
N GLY A 776 1.78 -13.24 36.94
CA GLY A 776 2.84 -12.57 37.65
C GLY A 776 4.11 -12.24 36.91
N LEU A 777 4.15 -12.29 35.57
CA LEU A 777 5.32 -11.75 34.91
C LEU A 777 4.85 -10.63 33.99
N LYS A 778 4.60 -9.46 34.56
CA LYS A 778 4.11 -8.29 33.84
C LYS A 778 5.02 -7.89 32.68
N GLY A 779 4.40 -7.50 31.57
CA GLY A 779 5.04 -7.02 30.37
C GLY A 779 5.48 -8.11 29.44
N LEU A 780 5.21 -9.35 29.82
CA LEU A 780 5.41 -10.56 29.06
C LEU A 780 4.06 -11.00 28.52
N ASP A 781 3.99 -11.21 27.22
CA ASP A 781 2.79 -11.81 26.66
C ASP A 781 3.23 -12.66 25.49
N VAL A 782 2.40 -13.62 25.12
CA VAL A 782 2.77 -14.51 24.05
C VAL A 782 1.55 -14.63 23.17
N SER A 783 1.77 -14.92 21.89
CA SER A 783 0.63 -15.13 21.01
C SER A 783 1.00 -16.18 19.98
N LEU A 784 -0.03 -16.77 19.37
CA LEU A 784 0.11 -17.77 18.31
C LEU A 784 -0.86 -17.35 17.21
N ASN A 785 -0.37 -17.30 15.98
CA ASN A 785 -1.24 -16.95 14.86
C ASN A 785 -1.22 -17.98 13.74
N ALA A 786 -2.36 -18.13 13.07
CA ALA A 786 -2.45 -18.92 11.84
C ALA A 786 -3.31 -18.18 10.81
N ASN A 787 -2.70 -17.77 9.69
CA ASN A 787 -3.42 -17.28 8.51
C ASN A 787 -3.61 -18.37 7.45
N ASN A 788 -4.72 -18.27 6.69
CA ASN A 788 -5.15 -19.32 5.76
C ASN A 788 -5.11 -20.67 6.47
N LEU A 789 -5.88 -20.72 7.55
CA LEU A 789 -5.88 -21.87 8.45
C LEU A 789 -6.24 -23.19 7.76
N LEU A 790 -7.15 -23.19 6.79
CA LEU A 790 -7.41 -24.43 6.05
C LEU A 790 -6.40 -24.77 4.93
N ASP A 791 -5.27 -24.06 4.79
CA ASP A 791 -4.21 -24.39 3.80
C ASP A 791 -4.72 -24.62 2.38
N LYS A 792 -5.71 -23.81 1.98
CA LYS A 792 -6.25 -23.79 0.63
C LYS A 792 -5.23 -23.50 -0.47
N ASP A 793 -5.31 -24.24 -1.61
CA ASP A 793 -4.37 -24.15 -2.75
C ASP A 793 -5.09 -23.50 -3.92
N TYR A 794 -4.68 -22.28 -4.22
CA TYR A 794 -5.43 -21.46 -5.13
C TYR A 794 -4.48 -20.48 -5.77
N VAL A 795 -4.90 -20.00 -6.91
CA VAL A 795 -4.29 -18.89 -7.62
C VAL A 795 -4.94 -17.62 -7.10
N ALA A 796 -4.13 -16.71 -6.59
CA ALA A 796 -4.70 -15.47 -6.08
C ALA A 796 -5.21 -14.61 -7.22
N SER A 797 -4.48 -14.60 -8.34
CA SER A 797 -4.87 -13.84 -9.52
C SER A 797 -3.90 -14.19 -10.64
N CYS A 798 -4.16 -13.65 -11.83
CA CYS A 798 -3.20 -13.79 -12.90
C CYS A 798 -3.11 -12.44 -13.55
N TYR A 799 -1.89 -12.05 -13.88
CA TYR A 799 -1.72 -10.86 -14.70
C TYR A 799 -2.01 -11.12 -16.18
N SER A 800 -1.77 -12.32 -16.66
CA SER A 800 -2.16 -12.66 -18.03
C SER A 800 -2.31 -14.17 -18.08
N LEU A 801 -2.57 -14.72 -19.28
CA LEU A 801 -2.63 -16.18 -19.42
C LEU A 801 -1.30 -16.89 -19.21
N ASP A 802 -0.21 -16.16 -19.36
CA ASP A 802 1.12 -16.64 -19.03
C ASP A 802 1.49 -16.50 -17.55
N PHE A 803 0.87 -15.62 -16.79
CA PHE A 803 1.34 -15.35 -15.43
C PHE A 803 0.27 -15.40 -14.35
N CYS A 804 0.31 -16.48 -13.56
CA CYS A 804 -0.62 -16.73 -12.47
C CYS A 804 0.21 -16.92 -11.22
N TYR A 805 -0.35 -16.49 -10.09
CA TYR A 805 0.36 -16.44 -8.82
C TYR A 805 -0.37 -17.25 -7.76
N PHE A 806 0.37 -18.04 -6.97
CA PHE A 806 -0.25 -18.76 -5.87
C PHE A 806 -0.47 -17.89 -4.63
N GLY A 807 -1.59 -18.16 -3.95
CA GLY A 807 -1.79 -17.64 -2.61
C GLY A 807 -0.89 -18.30 -1.58
N GLU A 808 -0.62 -17.59 -0.50
CA GLU A 808 0.15 -18.14 0.62
C GLU A 808 -0.52 -19.36 1.26
N LYS A 809 0.28 -20.40 1.53
CA LYS A 809 -0.18 -21.55 2.31
C LYS A 809 -0.24 -21.13 3.80
N ARG A 810 -0.74 -22.02 4.68
CA ARG A 810 -0.87 -21.60 6.08
C ARG A 810 0.43 -21.04 6.64
N ASN A 811 0.33 -19.88 7.26
CA ASN A 811 1.46 -19.21 7.86
C ASN A 811 1.09 -19.14 9.33
N VAL A 812 1.90 -19.84 10.14
CA VAL A 812 1.69 -20.07 11.56
C VAL A 812 2.82 -19.36 12.28
N THR A 813 2.47 -18.49 13.23
CA THR A 813 3.50 -17.75 13.93
C THR A 813 3.32 -17.85 15.44
N ALA A 814 4.45 -17.84 16.16
CA ALA A 814 4.51 -17.75 17.61
C ALA A 814 5.31 -16.51 17.99
N THR A 815 4.77 -15.68 18.86
CA THR A 815 5.38 -14.40 19.19
C THR A 815 5.52 -14.23 20.69
N VAL A 816 6.65 -13.67 21.13
CA VAL A 816 6.83 -13.30 22.53
C VAL A 816 7.09 -11.80 22.58
N ASN A 817 6.27 -11.05 23.34
CA ASN A 817 6.53 -9.63 23.55
C ASN A 817 6.87 -9.31 25.00
N TYR A 818 8.02 -8.68 25.23
CA TYR A 818 8.41 -8.19 26.55
C TYR A 818 8.76 -6.70 26.62
N GLN A 819 7.95 -5.91 27.35
CA GLN A 819 8.31 -4.54 27.75
C GLN A 819 9.14 -4.55 29.04
N PHE A 820 10.12 -3.64 29.13
CA PHE A 820 10.86 -3.43 30.38
C PHE A 820 10.09 -2.68 31.48
S SO4 B . -17.89 -9.40 -14.92
O1 SO4 B . -19.00 -10.35 -14.81
O2 SO4 B . -17.15 -9.63 -16.16
O3 SO4 B . -18.44 -8.04 -14.96
O4 SO4 B . -17.01 -9.57 -13.76
S SO4 C . -0.45 11.37 14.33
O1 SO4 C . -0.78 9.96 14.09
O2 SO4 C . -0.54 12.12 13.08
O3 SO4 C . 0.93 11.44 14.84
O4 SO4 C . -1.38 11.95 15.31
S SO4 D . -19.31 -16.02 -16.70
O1 SO4 D . -19.19 -14.86 -17.59
O2 SO4 D . -20.03 -17.08 -17.40
O3 SO4 D . -17.98 -16.49 -16.33
O4 SO4 D . -20.06 -15.64 -15.50
O1 BOG E . -21.36 9.65 -15.70
C1' BOG E . -21.94 10.51 -14.70
C2' BOG E . -21.67 9.90 -13.32
C3' BOG E . -22.84 10.15 -12.40
C4' BOG E . -22.73 9.11 -11.24
C5' BOG E . -23.64 9.57 -10.04
C6' BOG E . -23.03 9.15 -8.71
C7' BOG E . -22.96 7.63 -8.62
C8' BOG E . -23.04 7.20 -7.11
O1 BOG F . -21.43 14.31 -15.38
C1' BOG F . -22.18 15.23 -14.55
C2' BOG F . -22.90 14.44 -13.47
C3' BOG F . -23.83 15.36 -12.72
C4' BOG F . -23.57 15.26 -11.19
C5' BOG F . -23.98 13.86 -10.59
C6' BOG F . -24.20 14.02 -9.09
C7' BOG F . -24.37 12.67 -8.39
C8' BOG F . -24.50 12.90 -6.84
O1 BOG G . 2.43 29.20 -1.67
C1' BOG G . 2.25 29.22 -0.23
C2' BOG G . 3.18 28.18 0.44
C3' BOG G . 3.12 28.31 1.95
C4' BOG G . 4.56 28.08 2.48
C5' BOG G . 4.58 27.96 4.05
C6' BOG G . 5.97 27.52 4.46
C7' BOG G . 6.05 27.15 5.96
C8' BOG G . 7.33 26.28 6.23
FE FE H . 8.19 -7.22 -13.56
FE FE I . 3.90 -5.04 -19.34
C13 OX8 J . -1.11 -4.54 -20.16
C15 OX8 J . -0.73 -6.85 -21.07
C20 OX8 J . 2.28 -10.04 -19.79
C21 OX8 J . 3.53 -9.22 -19.53
C22 OX8 J . 3.26 -7.73 -19.70
C26 OX8 J . 3.43 -8.14 -23.19
C01 OX8 J . 3.98 -7.36 -24.37
C02 OX8 J . 3.06 -6.19 -24.74
C03 OX8 J . 3.84 -5.09 -25.46
C05 OX8 J . 3.11 -3.27 -23.94
C07 OX8 J . 3.41 -2.21 -22.89
C08 OX8 J . 2.23 -2.24 -21.93
C09 OX8 J . 2.44 -3.20 -20.76
C12 OX8 J . -0.02 -3.72 -20.85
C14 OX8 J . -1.63 -5.62 -21.10
C16 OX8 J . -0.89 -7.64 -19.77
C18 OX8 J . 1.12 -9.22 -20.35
C25 OX8 J . 4.32 -7.99 -21.96
N04 OX8 J . 4.19 -4.07 -24.50
N11 OX8 J . 1.28 -3.94 -20.25
N17 OX8 J . 0.27 -8.46 -19.42
N24 OX8 J . 3.68 -7.14 -20.96
O06 OX8 J . 1.99 -3.45 -24.28
O10 OX8 J . 3.53 -3.35 -20.32
O19 OX8 J . 0.94 -9.25 -21.52
O23 OX8 J . 2.73 -7.10 -18.83
O27 OX8 J . 3.48 -5.78 -21.24
O28 OX8 J . 1.41 -4.84 -19.18
C13 OX8 K . 5.25 -9.21 -16.63
C15 OX8 K . 7.05 -10.40 -18.01
C20 OX8 K . 10.79 -7.86 -17.34
C21 OX8 K . 11.30 -8.29 -15.96
C22 OX8 K . 10.23 -7.96 -14.91
C26 OX8 K . 10.69 -11.12 -14.18
C01 OX8 K . 9.19 -11.24 -14.43
C02 OX8 K . 8.70 -12.59 -13.90
C03 OX8 K . 7.21 -12.64 -13.67
C05 OX8 K . 5.44 -11.50 -12.41
C07 OX8 K . 4.89 -10.40 -11.51
C08 OX8 K . 4.39 -9.23 -12.36
C09 OX8 K . 5.60 -8.51 -12.93
C12 OX8 K . 4.69 -8.78 -15.26
C14 OX8 K . 6.58 -9.97 -16.62
C16 OX8 K . 7.48 -9.26 -18.95
C18 OX8 K . 9.79 -8.85 -17.91
C25 OX8 K . 11.13 -9.81 -13.50
N04 OX8 K . 6.83 -11.55 -12.79
N11 OX8 K . 5.71 -8.28 -14.37
N17 OX8 K . 8.50 -8.38 -18.41
N24 OX8 K . 10.17 -8.75 -13.69
O06 OX8 K . 4.72 -12.34 -12.84
O10 OX8 K . 6.44 -8.12 -12.20
O19 OX8 K . 10.07 -10.00 -17.93
O23 OX8 K . 9.49 -7.08 -15.12
O27 OX8 K . 9.25 -8.51 -12.65
O28 OX8 K . 6.83 -7.60 -14.89
C13 OX8 L . 7.27 -3.79 -17.33
C15 OX8 L . 9.59 -3.26 -18.10
C20 OX8 L . 9.10 -2.85 -14.58
C21 OX8 L . 8.83 -3.06 -13.08
C22 OX8 L . 8.40 -4.51 -12.90
C26 OX8 L . 7.62 -3.95 -9.63
C01 OX8 L . 7.09 -2.62 -10.18
C02 OX8 L . 5.66 -2.70 -10.67
C03 OX8 L . 5.05 -4.07 -10.47
C05 OX8 L . 3.97 -4.15 -12.74
C07 OX8 L . 3.85 -4.86 -14.09
C08 OX8 L . 4.61 -4.16 -15.20
C09 OX8 L . 4.40 -4.96 -16.49
C12 OX8 L . 6.90 -5.18 -16.85
C14 OX8 L . 8.20 -3.72 -18.54
C16 OX8 L . 10.16 -4.29 -17.13
C18 OX8 L . 10.58 -3.01 -14.95
C25 OX8 L . 8.84 -4.44 -10.40
N04 OX8 L . 4.89 -4.70 -11.77
N11 OX8 L . 5.53 -5.45 -17.26
N17 OX8 L . 11.03 -3.69 -16.16
N24 OX8 L . 8.42 -5.15 -11.59
O06 OX8 L . 3.32 -3.19 -12.51
O10 OX8 L . 3.29 -5.19 -16.85
O19 OX8 L . 11.38 -2.57 -14.21
O23 OX8 L . 8.04 -5.13 -13.83
O27 OX8 L . 8.02 -6.50 -11.50
O28 OX8 L . 5.33 -6.19 -18.43
S SO4 M . -12.44 18.15 17.14
O1 SO4 M . -12.09 16.88 16.49
O2 SO4 M . -13.34 18.89 16.27
O3 SO4 M . -11.23 18.93 17.36
O4 SO4 M . -13.08 17.87 18.43
#